data_3B5M
#
_entry.id   3B5M
#
_cell.length_a   49.268
_cell.length_b   58.315
_cell.length_c   73.799
_cell.angle_alpha   93.89
_cell.angle_beta   91.12
_cell.angle_gamma   90.10
#
_symmetry.space_group_name_H-M   'P 1'
#
loop_
_entity.id
_entity.type
_entity.pdbx_description
1 polymer 'Uncharacterized protein'
2 non-polymer 'SULFATE ION'
3 water water
#
_entity_poly.entity_id   1
_entity_poly.type   'polypeptide(L)'
_entity_poly.pdbx_seq_one_letter_code
;MSLILESLVTTLDEQGRINLAPLGPIVLPPQSPGGLPQFLLRPYEGSTTCDNLLASGNAVIHVIDDALLIAKTAIGKVDA
SDLVVPIPGLEDTHVRLKRCHRWFAVRVTQRAGTPPRHELTARCLASGLVDPFFGFNRAKHAVIEAAVAATRLHLLPPEE
IEEELERARIAIEKTGGEPEREALQLIRRHVRESSISEGHHHHHH
;
_entity_poly.pdbx_strand_id   A,B,C,D
#
# COMPACT_ATOMS: atom_id res chain seq x y z
N SER A 2 5.69 -6.75 -10.43
CA SER A 2 6.46 -5.48 -10.23
C SER A 2 6.25 -4.61 -11.44
N LEU A 3 6.51 -3.31 -11.34
CA LEU A 3 6.30 -2.42 -12.49
C LEU A 3 7.50 -2.56 -13.44
N ILE A 4 7.29 -3.12 -14.61
CA ILE A 4 8.39 -3.48 -15.53
C ILE A 4 8.20 -2.82 -16.87
N LEU A 5 9.28 -2.23 -17.39
CA LEU A 5 9.32 -1.70 -18.75
C LEU A 5 9.90 -2.75 -19.70
N GLU A 6 9.24 -3.04 -20.82
CA GLU A 6 9.83 -3.87 -21.88
C GLU A 6 10.72 -2.95 -22.70
N SER A 7 12.03 -3.03 -22.43
CA SER A 7 13.04 -2.11 -22.97
C SER A 7 14.01 -2.79 -23.92
N LEU A 8 14.83 -1.97 -24.58
CA LEU A 8 16.08 -2.44 -25.16
C LEU A 8 17.21 -1.81 -24.40
N VAL A 9 18.23 -2.60 -24.12
N VAL A 9 18.26 -2.58 -24.15
CA VAL A 9 19.39 -2.11 -23.39
CA VAL A 9 19.41 -2.09 -23.38
C VAL A 9 20.64 -2.16 -24.29
C VAL A 9 20.70 -2.22 -24.17
N THR A 10 21.44 -1.11 -24.26
CA THR A 10 22.77 -1.16 -24.83
C THR A 10 23.80 -1.22 -23.72
N THR A 11 24.86 -1.98 -23.95
CA THR A 11 26.00 -2.05 -23.07
C THR A 11 27.25 -2.17 -23.95
N LEU A 12 28.42 -1.92 -23.36
CA LEU A 12 29.73 -2.04 -24.04
C LEU A 12 30.56 -3.08 -23.34
N ASP A 13 31.31 -3.86 -24.14
CA ASP A 13 32.24 -4.81 -23.55
C ASP A 13 33.59 -4.12 -23.25
N GLU A 14 34.59 -4.91 -22.86
CA GLU A 14 35.88 -4.36 -22.41
C GLU A 14 36.62 -3.64 -23.52
N GLN A 15 36.26 -3.93 -24.77
CA GLN A 15 36.85 -3.34 -25.98
CA GLN A 15 36.90 -3.26 -25.91
C GLN A 15 35.98 -2.27 -26.63
N GLY A 16 34.87 -1.95 -25.96
CA GLY A 16 33.94 -0.95 -26.48
C GLY A 16 32.97 -1.48 -27.51
N ARG A 17 32.89 -2.79 -27.69
CA ARG A 17 31.94 -3.35 -28.65
C ARG A 17 30.53 -3.25 -28.08
N ILE A 18 29.59 -2.83 -28.91
CA ILE A 18 28.22 -2.55 -28.48
C ILE A 18 27.35 -3.77 -28.52
N ASN A 19 26.58 -4.01 -27.48
CA ASN A 19 25.58 -5.05 -27.46
C ASN A 19 24.20 -4.42 -27.29
N LEU A 20 23.21 -4.93 -28.00
CA LEU A 20 21.82 -4.49 -27.90
C LEU A 20 20.97 -5.70 -27.56
N ALA A 21 20.18 -5.67 -26.50
CA ALA A 21 19.37 -6.82 -26.11
C ALA A 21 18.10 -6.36 -25.39
N PRO A 22 17.08 -7.20 -25.32
CA PRO A 22 15.93 -6.86 -24.53
C PRO A 22 16.26 -6.94 -23.07
N LEU A 23 15.57 -6.14 -22.28
CA LEU A 23 15.62 -6.22 -20.83
C LEU A 23 14.32 -5.74 -20.28
N GLY A 24 13.91 -6.31 -19.15
CA GLY A 24 12.70 -5.88 -18.43
C GLY A 24 13.07 -5.32 -17.07
N PRO A 25 13.64 -4.12 -17.01
CA PRO A 25 13.96 -3.55 -15.71
C PRO A 25 12.72 -3.21 -14.90
N ILE A 26 12.86 -3.34 -13.59
CA ILE A 26 11.84 -2.86 -12.66
C ILE A 26 12.06 -1.39 -12.47
N VAL A 27 11.01 -0.61 -12.60
CA VAL A 27 11.05 0.82 -12.36
C VAL A 27 10.89 1.09 -10.86
N LEU A 28 11.90 1.74 -10.29
CA LEU A 28 11.94 2.05 -8.89
C LEU A 28 11.58 3.52 -8.69
N PRO A 29 11.14 3.89 -7.46
CA PRO A 29 10.94 5.28 -7.09
C PRO A 29 12.13 6.15 -7.40
N PRO A 30 11.87 7.45 -7.72
CA PRO A 30 13.00 8.36 -7.88
C PRO A 30 13.63 8.66 -6.52
N GLN A 31 14.86 9.16 -6.53
CA GLN A 31 15.54 9.57 -5.29
CA GLN A 31 15.54 9.56 -5.28
C GLN A 31 14.87 10.77 -4.62
N SER A 32 14.28 11.64 -5.44
CA SER A 32 13.58 12.84 -4.98
CA SER A 32 13.58 12.84 -4.98
C SER A 32 12.30 13.03 -5.79
N PRO A 33 11.23 13.60 -5.17
CA PRO A 33 10.00 13.77 -5.95
C PRO A 33 10.20 14.57 -7.24
N GLY A 34 9.56 14.11 -8.31
CA GLY A 34 9.71 14.71 -9.64
C GLY A 34 10.91 14.19 -10.42
N GLY A 35 11.78 13.45 -9.73
CA GLY A 35 13.07 13.01 -10.27
C GLY A 35 12.97 11.85 -11.25
N LEU A 36 14.11 11.50 -11.85
CA LEU A 36 14.15 10.39 -12.78
C LEU A 36 13.97 9.07 -12.04
N PRO A 37 13.40 8.06 -12.69
CA PRO A 37 13.27 6.75 -12.06
C PRO A 37 14.65 6.17 -11.77
N GLN A 38 14.72 5.29 -10.78
CA GLN A 38 15.83 4.36 -10.67
C GLN A 38 15.37 3.04 -11.22
N PHE A 39 16.27 2.07 -11.38
CA PHE A 39 15.91 0.82 -11.99
C PHE A 39 16.53 -0.34 -11.26
N LEU A 40 15.83 -1.47 -11.17
CA LEU A 40 16.42 -2.70 -10.69
C LEU A 40 16.57 -3.61 -11.89
N LEU A 41 17.82 -3.93 -12.22
CA LEU A 41 18.18 -4.75 -13.38
C LEU A 41 18.46 -6.14 -12.92
N ARG A 42 17.92 -7.11 -13.62
CA ARG A 42 18.05 -8.52 -13.30
CA ARG A 42 18.10 -8.52 -13.29
C ARG A 42 18.54 -9.23 -14.59
N PRO A 43 19.73 -8.91 -15.02
CA PRO A 43 20.23 -9.49 -16.24
C PRO A 43 20.49 -10.99 -16.05
N TYR A 44 20.35 -11.72 -17.13
CA TYR A 44 20.50 -13.17 -17.09
C TYR A 44 21.96 -13.60 -17.08
N GLU A 45 22.32 -14.45 -16.14
CA GLU A 45 23.70 -14.89 -15.96
C GLU A 45 24.24 -15.49 -17.25
N GLY A 46 25.42 -15.03 -17.65
CA GLY A 46 26.07 -15.56 -18.84
C GLY A 46 25.75 -14.82 -20.11
N SER A 47 24.74 -13.95 -20.09
CA SER A 47 24.38 -13.15 -21.25
C SER A 47 25.42 -12.04 -21.44
N THR A 48 25.52 -11.51 -22.66
CA THR A 48 26.44 -10.43 -22.90
C THR A 48 26.05 -9.19 -22.10
N THR A 49 24.76 -8.90 -21.99
CA THR A 49 24.30 -7.79 -21.14
C THR A 49 24.76 -7.95 -19.73
N CYS A 50 24.61 -9.14 -19.18
CA CYS A 50 25.01 -9.37 -17.80
C CYS A 50 26.53 -9.23 -17.65
N ASP A 51 27.30 -9.85 -18.54
CA ASP A 51 28.77 -9.71 -18.47
C ASP A 51 29.18 -8.26 -18.51
N ASN A 52 28.60 -7.49 -19.42
CA ASN A 52 28.98 -6.11 -19.61
C ASN A 52 28.56 -5.23 -18.43
N LEU A 53 27.40 -5.50 -17.83
CA LEU A 53 26.98 -4.78 -16.62
C LEU A 53 27.87 -5.09 -15.47
N LEU A 54 28.23 -6.35 -15.29
CA LEU A 54 29.09 -6.72 -14.16
C LEU A 54 30.52 -6.19 -14.32
N ALA A 55 31.00 -6.03 -15.56
CA ALA A 55 32.32 -5.48 -15.81
C ALA A 55 32.33 -3.98 -15.72
N SER A 56 31.39 -3.30 -16.36
CA SER A 56 31.46 -1.85 -16.53
C SER A 56 30.63 -1.06 -15.57
N GLY A 57 29.52 -1.63 -15.09
CA GLY A 57 28.59 -0.84 -14.30
C GLY A 57 27.67 0.06 -15.08
N ASN A 58 27.72 0.07 -16.41
CA ASN A 58 26.99 1.04 -17.21
C ASN A 58 26.02 0.35 -18.15
N ALA A 59 24.92 1.05 -18.48
CA ALA A 59 23.99 0.59 -19.51
C ALA A 59 23.15 1.76 -19.94
N VAL A 60 22.47 1.63 -21.08
CA VAL A 60 21.45 2.59 -21.48
C VAL A 60 20.15 1.84 -21.72
N ILE A 61 19.12 2.24 -20.97
CA ILE A 61 17.77 1.63 -21.07
C ILE A 61 16.94 2.51 -21.98
N HIS A 62 16.26 1.87 -22.95
CA HIS A 62 15.49 2.61 -23.93
C HIS A 62 14.02 2.27 -23.88
N VAL A 63 13.22 3.33 -23.98
CA VAL A 63 11.78 3.22 -24.25
C VAL A 63 11.65 3.30 -25.77
N ILE A 64 11.09 2.23 -26.34
CA ILE A 64 10.91 2.12 -27.78
C ILE A 64 9.51 1.61 -28.09
N ASP A 65 9.04 2.03 -29.27
CA ASP A 65 7.80 1.47 -29.85
C ASP A 65 8.10 0.50 -30.97
N ASP A 66 9.34 0.01 -31.05
CA ASP A 66 9.81 -0.89 -32.10
C ASP A 66 9.77 -2.36 -31.61
N ALA A 67 8.61 -2.95 -31.76
CA ALA A 67 8.40 -4.33 -31.34
C ALA A 67 9.19 -5.29 -32.22
N LEU A 68 9.39 -4.91 -33.49
CA LEU A 68 10.20 -5.74 -34.40
C LEU A 68 11.63 -5.87 -33.88
N LEU A 69 12.24 -4.76 -33.42
CA LEU A 69 13.60 -4.83 -32.94
C LEU A 69 13.71 -5.64 -31.64
N ILE A 70 12.70 -5.52 -30.77
CA ILE A 70 12.69 -6.38 -29.57
C ILE A 70 12.63 -7.84 -30.00
N ALA A 71 11.73 -8.17 -30.92
CA ALA A 71 11.68 -9.56 -31.40
C ALA A 71 12.99 -10.04 -32.00
N LYS A 72 13.61 -9.23 -32.85
CA LYS A 72 14.86 -9.63 -33.45
C LYS A 72 15.96 -9.89 -32.43
N THR A 73 16.11 -9.00 -31.44
CA THR A 73 17.18 -9.16 -30.44
C THR A 73 16.84 -10.21 -29.35
N ALA A 74 15.57 -10.57 -29.23
CA ALA A 74 15.17 -11.68 -28.35
C ALA A 74 15.52 -13.04 -28.97
N ILE A 75 15.42 -13.12 -30.30
CA ILE A 75 15.63 -14.37 -31.06
C ILE A 75 17.09 -14.60 -31.41
N GLY A 76 17.83 -13.53 -31.64
CA GLY A 76 19.20 -13.65 -32.12
C GLY A 76 19.99 -12.39 -31.89
N LYS A 77 21.20 -12.34 -32.43
CA LYS A 77 22.08 -11.18 -32.29
C LYS A 77 21.83 -10.20 -33.42
N VAL A 78 21.75 -8.90 -33.08
CA VAL A 78 21.62 -7.83 -34.04
C VAL A 78 22.83 -6.94 -33.90
N ASP A 79 23.50 -6.67 -35.02
CA ASP A 79 24.64 -5.77 -35.07
C ASP A 79 24.13 -4.35 -34.88
N ALA A 80 24.40 -3.78 -33.71
CA ALA A 80 23.89 -2.46 -33.41
C ALA A 80 24.90 -1.36 -33.63
N SER A 81 26.08 -1.66 -34.20
CA SER A 81 27.12 -0.65 -34.35
CA SER A 81 27.12 -0.65 -34.35
C SER A 81 26.67 0.60 -35.09
N ASP A 82 25.84 0.42 -36.11
CA ASP A 82 25.34 1.56 -36.89
C ASP A 82 23.98 2.11 -36.45
N LEU A 83 23.46 1.51 -35.37
CA LEU A 83 22.15 1.90 -34.83
C LEU A 83 22.22 2.91 -33.70
N VAL A 84 23.42 3.27 -33.26
CA VAL A 84 23.58 4.02 -32.01
C VAL A 84 24.47 5.22 -32.20
N VAL A 85 24.45 6.15 -31.25
CA VAL A 85 25.33 7.30 -31.18
C VAL A 85 25.84 7.44 -29.73
N PRO A 86 27.05 7.89 -29.53
CA PRO A 86 27.54 8.12 -28.16
C PRO A 86 26.77 9.22 -27.47
N ILE A 87 26.53 9.06 -26.17
CA ILE A 87 25.74 10.05 -25.43
C ILE A 87 26.64 11.24 -24.99
N PRO A 88 26.20 12.47 -25.22
CA PRO A 88 26.93 13.64 -24.73
C PRO A 88 27.22 13.57 -23.24
N GLY A 89 28.47 13.80 -22.86
CA GLY A 89 28.90 13.68 -21.51
C GLY A 89 29.37 12.31 -21.09
N LEU A 90 29.08 11.31 -21.94
CA LEU A 90 29.29 9.89 -21.59
C LEU A 90 29.75 9.11 -22.80
N GLU A 91 30.51 9.75 -23.68
CA GLU A 91 30.73 9.17 -25.00
C GLU A 91 31.53 7.91 -24.97
N ASP A 92 32.38 7.72 -23.99
CA ASP A 92 33.22 6.53 -23.88
CA ASP A 92 33.14 6.47 -24.01
C ASP A 92 32.56 5.37 -23.17
N THR A 93 31.42 5.62 -22.51
CA THR A 93 30.82 4.60 -21.68
C THR A 93 29.37 4.26 -22.03
N HIS A 94 28.66 5.12 -22.74
CA HIS A 94 27.21 4.93 -22.95
C HIS A 94 26.86 5.35 -24.36
N VAL A 95 26.08 4.50 -25.05
CA VAL A 95 25.57 4.81 -26.38
C VAL A 95 24.07 4.60 -26.41
N ARG A 96 23.38 5.41 -27.21
CA ARG A 96 21.93 5.26 -27.32
C ARG A 96 21.51 5.01 -28.75
N LEU A 97 20.40 4.34 -28.90
CA LEU A 97 19.79 4.12 -30.21
C LEU A 97 19.44 5.44 -30.83
N LYS A 98 19.76 5.58 -32.13
CA LYS A 98 19.37 6.76 -32.89
C LYS A 98 17.85 6.92 -32.90
N ARG A 99 17.14 5.80 -33.04
CA ARG A 99 15.69 5.80 -33.04
C ARG A 99 15.17 5.17 -31.76
N CYS A 100 14.57 5.99 -30.92
CA CYS A 100 13.89 5.56 -29.71
C CYS A 100 13.02 6.70 -29.29
N HIS A 101 12.14 6.45 -28.31
CA HIS A 101 11.40 7.52 -27.69
C HIS A 101 12.19 8.21 -26.56
N ARG A 102 12.76 7.40 -25.68
CA ARG A 102 13.44 7.96 -24.53
C ARG A 102 14.59 7.04 -24.17
N TRP A 103 15.68 7.60 -23.63
CA TRP A 103 16.81 6.80 -23.14
C TRP A 103 17.18 7.27 -21.77
N PHE A 104 17.69 6.31 -20.99
CA PHE A 104 18.17 6.54 -19.64
C PHE A 104 19.57 5.94 -19.56
N ALA A 105 20.56 6.83 -19.39
CA ALA A 105 21.95 6.36 -19.23
C ALA A 105 22.20 6.12 -17.79
N VAL A 106 22.42 4.87 -17.41
CA VAL A 106 22.41 4.47 -16.00
C VAL A 106 23.76 3.93 -15.55
N ARG A 107 23.95 3.94 -14.24
CA ARG A 107 25.13 3.39 -13.63
C ARG A 107 24.73 2.65 -12.38
N VAL A 108 25.36 1.50 -12.18
CA VAL A 108 25.05 0.66 -11.02
C VAL A 108 25.42 1.35 -9.72
N THR A 109 24.49 1.35 -8.75
CA THR A 109 24.68 1.93 -7.43
C THR A 109 24.68 0.90 -6.33
N GLN A 110 24.07 -0.27 -6.53
CA GLN A 110 24.00 -1.29 -5.47
CA GLN A 110 23.99 -1.30 -5.48
C GLN A 110 23.99 -2.63 -6.17
N ARG A 111 24.49 -3.67 -5.50
CA ARG A 111 24.52 -5.01 -6.08
C ARG A 111 24.13 -6.04 -5.02
N ALA A 112 23.38 -7.04 -5.47
CA ALA A 112 22.97 -8.16 -4.62
C ALA A 112 22.56 -9.29 -5.53
N GLY A 113 21.98 -10.31 -4.89
CA GLY A 113 21.52 -11.52 -5.58
C GLY A 113 22.31 -12.74 -5.16
N THR A 114 21.60 -13.84 -5.01
CA THR A 114 22.25 -15.12 -4.74
C THR A 114 22.56 -15.76 -6.07
N PRO A 115 23.86 -16.05 -6.31
CA PRO A 115 24.28 -16.66 -7.59
C PRO A 115 23.42 -17.87 -7.92
N PRO A 116 22.92 -17.97 -9.17
CA PRO A 116 23.25 -17.16 -10.34
C PRO A 116 22.38 -15.92 -10.61
N ARG A 117 21.53 -15.52 -9.65
CA ARG A 117 20.68 -14.34 -9.82
C ARG A 117 21.50 -13.07 -9.58
N HIS A 118 21.17 -12.00 -10.29
CA HIS A 118 21.81 -10.68 -10.11
C HIS A 118 20.75 -9.66 -9.91
N GLU A 119 20.94 -8.80 -8.96
CA GLU A 119 20.05 -7.69 -8.71
CA GLU A 119 20.04 -7.69 -8.72
C GLU A 119 20.92 -6.46 -8.66
N LEU A 120 20.86 -5.67 -9.72
CA LEU A 120 21.70 -4.46 -9.81
C LEU A 120 20.81 -3.24 -9.74
N THR A 121 20.95 -2.41 -8.73
CA THR A 121 20.21 -1.15 -8.70
C THR A 121 21.00 -0.15 -9.52
N ALA A 122 20.35 0.65 -10.32
CA ALA A 122 21.00 1.63 -11.16
C ALA A 122 20.29 2.96 -11.14
N ARG A 123 21.06 4.04 -11.18
CA ARG A 123 20.49 5.37 -11.22
C ARG A 123 20.87 6.05 -12.52
N CYS A 124 20.11 7.03 -12.91
CA CYS A 124 20.36 7.75 -14.17
CA CYS A 124 20.34 7.74 -14.16
C CYS A 124 21.41 8.80 -13.97
N LEU A 125 22.39 8.78 -14.85
CA LEU A 125 23.39 9.86 -14.98
C LEU A 125 22.85 10.90 -15.94
N ALA A 126 22.02 10.50 -16.90
CA ALA A 126 21.48 11.40 -17.93
C ALA A 126 20.29 10.72 -18.57
N SER A 127 19.43 11.50 -19.21
CA SER A 127 18.30 10.95 -19.94
CA SER A 127 18.31 10.94 -19.92
C SER A 127 17.93 11.90 -21.05
N GLY A 128 17.19 11.42 -22.02
CA GLY A 128 16.73 12.33 -23.07
C GLY A 128 15.59 11.72 -23.85
N LEU A 129 14.84 12.62 -24.48
CA LEU A 129 13.75 12.29 -25.35
C LEU A 129 14.17 12.45 -26.78
N VAL A 130 13.73 11.56 -27.65
CA VAL A 130 14.14 11.57 -29.05
C VAL A 130 12.87 11.65 -29.92
N ASP A 131 12.30 10.53 -30.32
CA ASP A 131 11.13 10.51 -31.20
C ASP A 131 9.84 10.44 -30.38
N PRO A 132 8.72 10.89 -30.94
CA PRO A 132 7.45 10.62 -30.29
C PRO A 132 7.16 9.10 -30.26
N PHE A 133 6.40 8.67 -29.28
CA PHE A 133 6.01 7.27 -29.18
C PHE A 133 4.70 7.11 -29.96
N PHE A 134 4.56 6.08 -30.80
CA PHE A 134 3.35 5.94 -31.60
C PHE A 134 2.10 5.93 -30.75
N GLY A 135 2.14 5.12 -29.68
CA GLY A 135 1.02 4.94 -28.79
C GLY A 135 0.66 3.49 -28.65
N PHE A 136 -0.38 3.19 -27.91
CA PHE A 136 -0.84 1.83 -27.79
C PHE A 136 -1.25 1.29 -29.16
N ASN A 137 -0.82 0.07 -29.46
CA ASN A 137 -1.16 -0.58 -30.74
C ASN A 137 -1.25 -2.07 -30.45
N ARG A 138 -2.40 -2.66 -30.73
CA ARG A 138 -2.65 -4.04 -30.31
C ARG A 138 -1.73 -5.02 -31.02
N ALA A 139 -1.35 -4.73 -32.25
CA ALA A 139 -0.39 -5.57 -32.96
C ALA A 139 1.00 -5.57 -32.33
N LYS A 140 1.55 -4.41 -31.97
CA LYS A 140 2.83 -4.35 -31.28
C LYS A 140 2.74 -5.12 -29.98
N HIS A 141 1.63 -4.97 -29.27
CA HIS A 141 1.50 -5.64 -27.99
C HIS A 141 1.54 -7.15 -28.15
N ALA A 142 0.84 -7.64 -29.16
CA ALA A 142 0.79 -9.08 -29.42
C ALA A 142 2.12 -9.62 -29.93
N VAL A 143 2.89 -8.86 -30.68
CA VAL A 143 4.25 -9.23 -31.07
C VAL A 143 5.09 -9.46 -29.81
N ILE A 144 5.00 -8.54 -28.83
CA ILE A 144 5.73 -8.71 -27.58
C ILE A 144 5.31 -10.00 -26.88
N GLU A 145 4.02 -10.25 -26.78
CA GLU A 145 3.59 -11.49 -26.13
C GLU A 145 4.12 -12.74 -26.83
N ALA A 146 4.09 -12.72 -28.13
CA ALA A 146 4.53 -13.88 -28.93
C ALA A 146 6.04 -14.05 -28.81
N ALA A 147 6.81 -12.97 -28.83
CA ALA A 147 8.24 -13.04 -28.67
C ALA A 147 8.64 -13.56 -27.30
N VAL A 148 7.96 -13.10 -26.25
CA VAL A 148 8.21 -13.63 -24.91
C VAL A 148 7.90 -15.13 -24.90
N ALA A 149 6.76 -15.53 -25.41
CA ALA A 149 6.37 -16.95 -25.41
C ALA A 149 7.35 -17.85 -26.15
N ALA A 150 7.87 -17.35 -27.26
CA ALA A 150 8.73 -18.12 -28.13
C ALA A 150 10.14 -18.22 -27.61
N THR A 151 10.52 -17.40 -26.60
CA THR A 151 11.89 -17.35 -26.13
C THR A 151 12.01 -17.70 -24.65
N ARG A 152 10.99 -18.31 -24.09
CA ARG A 152 11.06 -18.76 -22.72
C ARG A 152 12.15 -19.83 -22.57
N LEU A 153 12.78 -19.82 -21.39
CA LEU A 153 13.81 -20.82 -21.05
CA LEU A 153 13.80 -20.81 -21.05
C LEU A 153 13.27 -22.24 -21.15
N HIS A 154 12.06 -22.46 -20.62
CA HIS A 154 11.41 -23.76 -20.73
C HIS A 154 10.30 -23.62 -21.74
N LEU A 155 10.34 -24.46 -22.77
N LEU A 155 10.32 -24.44 -22.75
CA LEU A 155 9.39 -24.41 -23.87
CA LEU A 155 9.39 -24.36 -23.85
C LEU A 155 7.98 -24.57 -23.39
C LEU A 155 7.98 -24.53 -23.38
N LEU A 156 7.08 -23.79 -23.95
CA LEU A 156 5.67 -23.94 -23.68
C LEU A 156 5.16 -25.16 -24.42
N PRO A 157 4.08 -25.77 -23.90
CA PRO A 157 3.40 -26.81 -24.68
C PRO A 157 3.00 -26.29 -26.07
N PRO A 158 3.08 -27.15 -27.10
CA PRO A 158 2.73 -26.74 -28.48
C PRO A 158 1.41 -25.97 -28.58
N GLU A 159 0.38 -26.40 -27.87
CA GLU A 159 -0.92 -25.71 -27.89
C GLU A 159 -0.83 -24.26 -27.37
N GLU A 160 0.00 -24.02 -26.36
CA GLU A 160 0.14 -22.68 -25.76
C GLU A 160 0.88 -21.71 -26.68
N ILE A 161 1.99 -22.16 -27.27
CA ILE A 161 2.73 -21.32 -28.19
C ILE A 161 1.89 -21.05 -29.45
N GLU A 162 1.16 -22.06 -29.93
CA GLU A 162 0.29 -21.85 -31.09
C GLU A 162 -0.81 -20.83 -30.82
N GLU A 163 -1.37 -20.84 -29.61
CA GLU A 163 -2.35 -19.83 -29.20
C GLU A 163 -1.78 -18.40 -29.24
N GLU A 164 -0.58 -18.20 -28.69
CA GLU A 164 0.03 -16.87 -28.74
C GLU A 164 0.28 -16.42 -30.16
N LEU A 165 0.68 -17.34 -31.03
CA LEU A 165 1.00 -16.97 -32.41
C LEU A 165 -0.28 -16.59 -33.16
N GLU A 166 -1.35 -17.30 -32.86
CA GLU A 166 -2.64 -17.01 -33.49
C GLU A 166 -3.22 -15.70 -33.01
N ARG A 167 -3.09 -15.42 -31.71
CA ARG A 167 -3.57 -14.15 -31.18
CA ARG A 167 -3.56 -14.14 -31.17
C ARG A 167 -2.79 -13.02 -31.83
N ALA A 168 -1.50 -13.24 -32.03
CA ALA A 168 -0.70 -12.24 -32.71
C ALA A 168 -1.12 -12.03 -34.15
N ARG A 169 -1.38 -13.14 -34.86
CA ARG A 169 -1.80 -13.02 -36.26
C ARG A 169 -3.05 -12.17 -36.38
N ILE A 170 -4.03 -12.44 -35.54
CA ILE A 170 -5.29 -11.71 -35.57
CA ILE A 170 -5.30 -11.72 -35.55
C ILE A 170 -5.08 -10.23 -35.24
N ALA A 171 -4.35 -9.94 -34.15
CA ALA A 171 -4.09 -8.54 -33.78
C ALA A 171 -3.35 -7.79 -34.86
N ILE A 172 -2.39 -8.44 -35.52
CA ILE A 172 -1.61 -7.82 -36.58
C ILE A 172 -2.47 -7.54 -37.82
N GLU A 173 -3.33 -8.49 -38.20
CA GLU A 173 -4.24 -8.27 -39.32
C GLU A 173 -5.15 -7.08 -39.04
N LYS A 174 -5.63 -6.97 -37.81
CA LYS A 174 -6.58 -5.93 -37.46
C LYS A 174 -5.96 -4.55 -37.27
N THR A 175 -4.72 -4.47 -36.77
CA THR A 175 -4.21 -3.19 -36.29
C THR A 175 -2.76 -2.91 -36.64
N GLY A 176 -2.04 -3.84 -37.27
CA GLY A 176 -0.61 -3.70 -37.43
C GLY A 176 -0.15 -3.31 -38.80
N GLY A 177 1.15 -3.10 -38.93
CA GLY A 177 1.78 -2.77 -40.20
C GLY A 177 2.83 -3.77 -40.60
N GLU A 178 3.61 -3.42 -41.61
CA GLU A 178 4.62 -4.33 -42.09
C GLU A 178 5.67 -4.75 -41.05
N PRO A 179 6.20 -3.81 -40.19
CA PRO A 179 7.15 -4.32 -39.19
C PRO A 179 6.58 -5.39 -38.25
N GLU A 180 5.31 -5.27 -37.91
CA GLU A 180 4.68 -6.27 -37.04
C GLU A 180 4.46 -7.59 -37.77
N ARG A 181 4.11 -7.51 -39.05
CA ARG A 181 3.99 -8.70 -39.92
C ARG A 181 5.32 -9.41 -40.01
N GLU A 182 6.38 -8.66 -40.26
CA GLU A 182 7.73 -9.19 -40.31
C GLU A 182 8.13 -9.85 -38.99
N ALA A 183 7.83 -9.17 -37.89
CA ALA A 183 8.14 -9.73 -36.59
C ALA A 183 7.51 -11.09 -36.37
N LEU A 184 6.23 -11.22 -36.70
CA LEU A 184 5.56 -12.50 -36.49
C LEU A 184 6.18 -13.59 -37.36
N GLN A 185 6.53 -13.27 -38.60
CA GLN A 185 7.19 -14.26 -39.45
C GLN A 185 8.50 -14.72 -38.84
N LEU A 186 9.29 -13.80 -38.28
CA LEU A 186 10.52 -14.16 -37.63
C LEU A 186 10.34 -15.03 -36.39
N ILE A 187 9.30 -14.72 -35.62
CA ILE A 187 9.02 -15.47 -34.41
C ILE A 187 8.55 -16.88 -34.80
N ARG A 188 7.67 -16.98 -35.81
CA ARG A 188 7.23 -18.30 -36.32
C ARG A 188 8.42 -19.15 -36.76
N ARG A 189 9.41 -18.53 -37.42
CA ARG A 189 10.61 -19.26 -37.88
C ARG A 189 11.35 -19.79 -36.68
N HIS A 190 11.52 -18.93 -35.67
CA HIS A 190 12.20 -19.34 -34.47
C HIS A 190 11.54 -20.52 -33.76
N VAL A 191 10.21 -20.50 -33.68
CA VAL A 191 9.42 -21.58 -33.08
C VAL A 191 9.59 -22.89 -33.87
N ARG A 192 9.55 -22.80 -35.20
CA ARG A 192 9.71 -23.98 -36.07
C ARG A 192 11.10 -24.59 -35.89
N GLU A 193 12.13 -23.75 -35.84
CA GLU A 193 13.51 -24.22 -35.69
C GLU A 193 13.84 -24.75 -34.28
N SER A 194 13.01 -24.40 -33.29
CA SER A 194 13.23 -24.81 -31.90
C SER A 194 12.54 -26.14 -31.55
N SER A 195 11.81 -26.70 -32.51
CA SER A 195 11.11 -27.96 -32.32
C SER A 195 11.56 -29.00 -33.35
N SER B 2 -2.39 0.66 -42.55
CA SER B 2 -1.72 1.49 -41.56
C SER B 2 -2.13 1.06 -40.14
N LEU B 3 -1.43 1.60 -39.19
CA LEU B 3 -1.58 1.19 -37.85
C LEU B 3 -2.87 1.78 -37.24
N ILE B 4 -3.48 1.08 -36.30
CA ILE B 4 -4.52 1.63 -35.49
C ILE B 4 -3.96 2.04 -34.13
N LEU B 5 -4.27 3.26 -33.72
CA LEU B 5 -3.87 3.76 -32.41
C LEU B 5 -5.01 3.53 -31.42
N GLU B 6 -4.73 2.93 -30.28
CA GLU B 6 -5.69 2.90 -29.19
C GLU B 6 -5.59 4.20 -28.44
N SER B 7 -6.54 5.10 -28.70
CA SER B 7 -6.47 6.53 -28.24
C SER B 7 -7.57 6.82 -27.26
N LEU B 8 -7.49 8.01 -26.68
CA LEU B 8 -8.63 8.67 -26.04
C LEU B 8 -8.99 9.89 -26.88
N VAL B 9 -10.30 10.05 -27.11
N VAL B 9 -10.30 10.07 -27.10
CA VAL B 9 -10.81 11.16 -27.91
CA VAL B 9 -10.80 11.18 -27.94
C VAL B 9 -11.71 12.06 -27.05
C VAL B 9 -11.75 12.06 -27.15
N THR B 10 -11.51 13.38 -27.19
CA THR B 10 -12.45 14.32 -26.64
C THR B 10 -13.27 14.93 -27.78
N THR B 11 -14.56 15.10 -27.46
CA THR B 11 -15.46 15.80 -28.37
C THR B 11 -16.39 16.63 -27.49
N LEU B 12 -17.09 17.57 -28.15
CA LEU B 12 -18.06 18.46 -27.48
C LEU B 12 -19.42 18.27 -28.13
N ASP B 13 -20.46 18.32 -27.31
CA ASP B 13 -21.81 18.31 -27.87
C ASP B 13 -22.25 19.73 -28.23
N GLU B 14 -23.53 19.87 -28.61
CA GLU B 14 -24.06 21.14 -29.12
C GLU B 14 -24.11 22.23 -28.05
N GLN B 15 -24.15 21.79 -26.80
CA GLN B 15 -24.17 22.70 -25.65
CA GLN B 15 -24.18 22.69 -25.66
C GLN B 15 -22.79 22.86 -25.03
N GLY B 16 -21.76 22.30 -25.69
CA GLY B 16 -20.39 22.39 -25.18
C GLY B 16 -19.98 21.35 -24.14
N ARG B 17 -20.86 20.40 -23.83
CA ARG B 17 -20.53 19.36 -22.87
C ARG B 17 -19.43 18.44 -23.41
N ILE B 18 -18.45 18.18 -22.54
CA ILE B 18 -17.26 17.41 -22.93
C ILE B 18 -17.47 15.92 -22.80
N ASN B 19 -17.12 15.18 -23.83
CA ASN B 19 -17.10 13.72 -23.73
C ASN B 19 -15.67 13.20 -23.93
N LEU B 20 -15.28 12.20 -23.15
CA LEU B 20 -13.98 11.55 -23.25
C LEU B 20 -14.19 10.04 -23.41
N ALA B 21 -13.68 9.46 -24.48
CA ALA B 21 -13.92 8.04 -24.73
C ALA B 21 -12.82 7.39 -25.53
N PRO B 22 -12.74 6.05 -25.50
CA PRO B 22 -11.77 5.39 -26.35
C PRO B 22 -12.11 5.51 -27.83
N LEU B 23 -11.10 5.56 -28.68
CA LEU B 23 -11.30 5.49 -30.12
C LEU B 23 -10.09 4.81 -30.71
N GLY B 24 -10.28 4.04 -31.79
CA GLY B 24 -9.19 3.42 -32.49
C GLY B 24 -9.04 3.94 -33.90
N PRO B 25 -8.53 5.16 -34.08
CA PRO B 25 -8.40 5.69 -35.40
C PRO B 25 -7.26 5.01 -36.18
N ILE B 26 -7.43 4.89 -37.50
CA ILE B 26 -6.35 4.51 -38.38
C ILE B 26 -5.47 5.73 -38.59
N VAL B 27 -4.16 5.59 -38.40
CA VAL B 27 -3.20 6.66 -38.59
C VAL B 27 -2.62 6.60 -39.99
N LEU B 28 -2.99 7.59 -40.79
CA LEU B 28 -2.58 7.69 -42.19
C LEU B 28 -1.33 8.51 -42.25
N PRO B 29 -0.24 7.93 -42.77
CA PRO B 29 1.04 8.60 -42.71
C PRO B 29 1.08 9.90 -43.51
N PRO B 30 1.94 10.84 -43.10
CA PRO B 30 2.11 12.09 -43.88
C PRO B 30 2.84 11.80 -45.19
N GLN B 31 2.75 12.74 -46.12
CA GLN B 31 3.51 12.63 -47.37
C GLN B 31 5.02 12.68 -47.13
N SER B 32 5.43 13.48 -46.16
CA SER B 32 6.86 13.63 -45.81
C SER B 32 7.12 13.18 -44.37
N PRO B 33 8.20 12.40 -44.14
CA PRO B 33 8.60 12.02 -42.77
C PRO B 33 8.69 13.21 -41.83
N GLY B 34 8.03 13.12 -40.68
CA GLY B 34 8.02 14.20 -39.70
C GLY B 34 6.80 15.10 -39.80
N GLY B 35 6.04 14.97 -40.89
CA GLY B 35 4.78 15.70 -41.05
C GLY B 35 3.66 15.14 -40.18
N LEU B 36 2.60 15.90 -40.02
CA LEU B 36 1.46 15.43 -39.24
C LEU B 36 0.64 14.44 -40.06
N PRO B 37 0.12 13.39 -39.40
CA PRO B 37 -0.68 12.40 -40.07
C PRO B 37 -2.11 12.88 -40.30
N GLN B 38 -2.86 12.09 -41.08
N GLN B 38 -2.87 12.10 -41.08
CA GLN B 38 -4.31 12.20 -41.12
CA GLN B 38 -4.31 12.21 -41.10
C GLN B 38 -4.87 11.00 -40.36
C GLN B 38 -4.88 10.97 -40.41
N PHE B 39 -6.18 10.97 -40.14
CA PHE B 39 -6.80 9.88 -39.43
C PHE B 39 -8.03 9.41 -40.13
N LEU B 40 -8.31 8.13 -40.04
CA LEU B 40 -9.61 7.64 -40.44
C LEU B 40 -10.36 7.20 -39.19
N LEU B 41 -11.49 7.85 -38.91
CA LEU B 41 -12.25 7.61 -37.70
C LEU B 41 -13.42 6.71 -38.05
N ARG B 42 -13.61 5.66 -37.28
CA ARG B 42 -14.72 4.74 -37.48
C ARG B 42 -15.51 4.61 -36.18
N PRO B 43 -16.21 5.69 -35.77
CA PRO B 43 -16.86 5.69 -34.46
C PRO B 43 -18.07 4.77 -34.46
N TYR B 44 -18.51 4.40 -33.27
CA TYR B 44 -19.57 3.42 -33.11
C TYR B 44 -20.90 4.17 -33.18
N GLU B 45 -21.76 3.80 -34.14
CA GLU B 45 -23.07 4.47 -34.30
C GLU B 45 -23.86 4.55 -32.98
N GLY B 46 -24.34 5.75 -32.66
CA GLY B 46 -25.13 5.94 -31.44
C GLY B 46 -24.35 6.33 -30.20
N SER B 47 -23.02 6.19 -30.27
CA SER B 47 -22.15 6.65 -29.18
C SER B 47 -22.13 8.17 -29.14
N THR B 48 -21.81 8.70 -27.96
CA THR B 48 -21.68 10.14 -27.76
C THR B 48 -20.60 10.68 -28.69
N THR B 49 -19.48 9.97 -28.78
CA THR B 49 -18.42 10.36 -29.69
C THR B 49 -18.92 10.47 -31.12
N CYS B 50 -19.63 9.45 -31.59
CA CYS B 50 -20.17 9.47 -32.94
C CYS B 50 -21.16 10.62 -33.17
N ASP B 51 -22.10 10.81 -32.24
CA ASP B 51 -23.03 11.94 -32.31
C ASP B 51 -22.30 13.28 -32.42
N ASN B 52 -21.28 13.48 -31.59
CA ASN B 52 -20.57 14.75 -31.58
C ASN B 52 -19.73 14.93 -32.85
N LEU B 53 -19.09 13.86 -33.34
CA LEU B 53 -18.31 13.94 -34.55
C LEU B 53 -19.17 14.32 -35.74
N LEU B 54 -20.34 13.70 -35.83
CA LEU B 54 -21.21 13.99 -36.97
C LEU B 54 -21.78 15.39 -36.91
N ALA B 55 -22.07 15.87 -35.71
CA ALA B 55 -22.62 17.21 -35.53
C ALA B 55 -21.59 18.33 -35.70
N SER B 56 -20.40 18.16 -35.11
CA SER B 56 -19.39 19.23 -35.09
C SER B 56 -18.25 19.08 -36.09
N GLY B 57 -17.88 17.83 -36.41
CA GLY B 57 -16.71 17.59 -37.23
C GLY B 57 -15.38 17.74 -36.50
N ASN B 58 -15.42 17.95 -35.18
CA ASN B 58 -14.21 18.26 -34.38
C ASN B 58 -13.93 17.17 -33.36
N ALA B 59 -12.63 16.95 -33.09
CA ALA B 59 -12.23 16.08 -31.98
C ALA B 59 -10.80 16.40 -31.65
N VAL B 60 -10.37 15.86 -30.50
CA VAL B 60 -8.94 15.82 -30.18
C VAL B 60 -8.59 14.35 -29.86
N ILE B 61 -7.62 13.83 -30.61
CA ILE B 61 -7.13 12.44 -30.47
C ILE B 61 -5.88 12.48 -29.63
N HIS B 62 -5.82 11.61 -28.63
CA HIS B 62 -4.68 11.62 -27.70
C HIS B 62 -3.95 10.28 -27.68
N VAL B 63 -2.64 10.35 -27.78
CA VAL B 63 -1.75 9.23 -27.46
C VAL B 63 -1.50 9.25 -25.97
N ILE B 64 -1.89 8.19 -25.28
CA ILE B 64 -1.80 8.09 -23.84
C ILE B 64 -1.20 6.75 -23.45
N ASP B 65 -0.56 6.73 -22.30
CA ASP B 65 -0.10 5.47 -21.69
C ASP B 65 -1.02 5.09 -20.53
N ASP B 66 -2.18 5.75 -20.42
CA ASP B 66 -3.09 5.59 -19.28
C ASP B 66 -4.16 4.53 -19.65
N ALA B 67 -3.78 3.28 -19.44
CA ALA B 67 -4.73 2.17 -19.68
C ALA B 67 -5.90 2.20 -18.71
N LEU B 68 -5.70 2.69 -17.49
CA LEU B 68 -6.77 2.83 -16.51
C LEU B 68 -7.85 3.75 -17.04
N LEU B 69 -7.48 4.88 -17.63
CA LEU B 69 -8.48 5.81 -18.12
C LEU B 69 -9.20 5.27 -19.36
N ILE B 70 -8.49 4.57 -20.22
CA ILE B 70 -9.15 3.83 -21.28
C ILE B 70 -10.18 2.88 -20.70
N ALA B 71 -9.80 2.09 -19.73
CA ALA B 71 -10.76 1.14 -19.10
C ALA B 71 -11.96 1.87 -18.53
N LYS B 72 -11.76 2.92 -17.78
CA LYS B 72 -12.86 3.64 -17.16
C LYS B 72 -13.82 4.18 -18.19
N THR B 73 -13.32 4.76 -19.26
CA THR B 73 -14.22 5.38 -20.27
C THR B 73 -14.80 4.32 -21.20
N ALA B 74 -14.22 3.12 -21.26
CA ALA B 74 -14.82 2.02 -22.00
C ALA B 74 -16.03 1.49 -21.27
N ILE B 75 -15.99 1.46 -19.96
CA ILE B 75 -17.06 0.79 -19.21
C ILE B 75 -18.12 1.73 -18.65
N GLY B 76 -17.90 3.05 -18.70
CA GLY B 76 -18.89 3.99 -18.21
C GLY B 76 -18.50 5.41 -18.55
N LYS B 77 -19.28 6.37 -18.07
CA LYS B 77 -19.02 7.78 -18.32
C LYS B 77 -18.05 8.32 -17.28
N VAL B 78 -17.01 9.03 -17.74
CA VAL B 78 -16.11 9.73 -16.83
C VAL B 78 -16.31 11.23 -17.02
N ASP B 79 -16.46 11.93 -15.89
CA ASP B 79 -16.55 13.40 -15.93
C ASP B 79 -15.15 13.94 -16.20
N ALA B 80 -14.97 14.46 -17.41
CA ALA B 80 -13.64 14.91 -17.85
C ALA B 80 -13.42 16.39 -17.65
N SER B 81 -14.33 17.08 -16.96
CA SER B 81 -14.26 18.53 -16.85
CA SER B 81 -14.28 18.54 -16.77
C SER B 81 -12.91 19.01 -16.26
N ASP B 82 -12.41 18.37 -15.22
N ASP B 82 -12.40 18.30 -15.27
CA ASP B 82 -11.10 18.81 -14.72
CA ASP B 82 -11.16 18.68 -14.63
C ASP B 82 -9.95 17.90 -15.15
C ASP B 82 -9.92 18.01 -15.23
N LEU B 83 -10.12 17.26 -16.31
CA LEU B 83 -9.02 16.60 -17.00
C LEU B 83 -8.55 17.33 -18.23
N VAL B 84 -9.34 18.28 -18.75
CA VAL B 84 -9.05 18.89 -20.03
C VAL B 84 -9.07 20.39 -19.97
N VAL B 85 -8.47 21.04 -20.98
CA VAL B 85 -8.52 22.49 -21.09
CA VAL B 85 -8.47 22.51 -21.09
C VAL B 85 -8.75 22.88 -22.55
N PRO B 86 -9.51 23.95 -22.81
CA PRO B 86 -9.64 24.42 -24.20
C PRO B 86 -8.29 24.76 -24.80
N ILE B 87 -8.16 24.51 -26.10
CA ILE B 87 -6.92 24.79 -26.79
C ILE B 87 -6.91 26.22 -27.34
N PRO B 88 -5.95 27.07 -26.93
CA PRO B 88 -5.92 28.45 -27.52
C PRO B 88 -5.83 28.42 -29.03
N GLY B 89 -6.67 29.26 -29.65
CA GLY B 89 -6.81 29.26 -31.10
C GLY B 89 -8.00 28.42 -31.54
N LEU B 90 -8.41 27.48 -30.67
CA LEU B 90 -9.50 26.55 -30.94
C LEU B 90 -10.40 26.47 -29.73
N GLU B 91 -10.42 27.55 -28.93
CA GLU B 91 -10.93 27.45 -27.56
C GLU B 91 -12.43 27.24 -27.50
N ASP B 92 -13.16 27.51 -28.58
CA ASP B 92 -14.60 27.27 -28.57
C ASP B 92 -15.00 25.89 -29.09
N THR B 93 -14.04 25.14 -29.64
CA THR B 93 -14.36 23.90 -30.34
C THR B 93 -13.60 22.65 -29.88
N HIS B 94 -12.43 22.81 -29.26
CA HIS B 94 -11.55 21.66 -28.97
C HIS B 94 -11.01 21.79 -27.59
N VAL B 95 -10.98 20.68 -26.85
CA VAL B 95 -10.34 20.59 -25.54
C VAL B 95 -9.35 19.42 -25.52
N ARG B 96 -8.24 19.61 -24.81
CA ARG B 96 -7.25 18.53 -24.73
C ARG B 96 -7.01 18.11 -23.30
N LEU B 97 -6.63 16.85 -23.13
CA LEU B 97 -6.15 16.34 -21.86
C LEU B 97 -4.92 17.07 -21.39
N LYS B 98 -4.88 17.40 -20.09
CA LYS B 98 -3.68 17.94 -19.51
C LYS B 98 -2.58 16.89 -19.43
N ARG B 99 -2.94 15.65 -19.17
CA ARG B 99 -1.97 14.55 -19.06
C ARG B 99 -2.13 13.64 -20.24
N CYS B 100 -1.13 13.65 -21.10
CA CYS B 100 -1.09 12.75 -22.26
C CYS B 100 0.33 12.79 -22.79
N HIS B 101 0.67 11.89 -23.72
CA HIS B 101 1.95 11.98 -24.40
C HIS B 101 1.86 12.94 -25.57
N ARG B 102 0.83 12.81 -26.41
CA ARG B 102 0.72 13.62 -27.61
C ARG B 102 -0.76 13.81 -27.91
N TRP B 103 -1.09 14.96 -28.53
CA TRP B 103 -2.49 15.23 -28.89
C TRP B 103 -2.51 15.82 -30.28
N PHE B 104 -3.63 15.54 -30.96
CA PHE B 104 -3.87 16.01 -32.33
C PHE B 104 -5.28 16.54 -32.35
N ALA B 105 -5.40 17.88 -32.54
CA ALA B 105 -6.74 18.48 -32.71
C ALA B 105 -7.10 18.35 -34.16
N VAL B 106 -8.26 17.76 -34.44
CA VAL B 106 -8.60 17.39 -35.80
C VAL B 106 -9.94 17.97 -36.23
N ARG B 107 -10.12 17.95 -37.55
CA ARG B 107 -11.35 18.42 -38.17
C ARG B 107 -11.67 17.44 -39.32
N VAL B 108 -12.91 16.97 -39.35
CA VAL B 108 -13.36 16.02 -40.40
C VAL B 108 -13.37 16.75 -41.75
N THR B 109 -12.73 16.13 -42.72
CA THR B 109 -12.72 16.61 -44.11
C THR B 109 -13.56 15.79 -45.08
N GLN B 110 -13.91 14.55 -44.73
CA GLN B 110 -14.70 13.67 -45.60
C GLN B 110 -15.55 12.72 -44.76
N ARG B 111 -16.82 12.55 -45.14
CA ARG B 111 -17.74 11.61 -44.51
C ARG B 111 -18.02 10.51 -45.52
N ALA B 112 -17.89 9.26 -45.07
CA ALA B 112 -18.20 8.09 -45.88
C ALA B 112 -18.72 6.96 -44.99
N GLY B 113 -18.92 5.80 -45.61
CA GLY B 113 -19.48 4.65 -44.94
C GLY B 113 -21.00 4.63 -45.02
N THR B 114 -21.56 3.44 -44.83
CA THR B 114 -22.99 3.24 -44.72
C THR B 114 -23.32 2.99 -43.25
N PRO B 115 -24.23 3.82 -42.66
CA PRO B 115 -24.69 3.59 -41.29
C PRO B 115 -25.21 2.15 -41.10
N PRO B 116 -24.82 1.49 -40.00
CA PRO B 116 -24.24 2.03 -38.77
C PRO B 116 -22.70 2.19 -38.76
N ARG B 117 -22.05 1.97 -39.91
CA ARG B 117 -20.59 2.03 -39.97
C ARG B 117 -20.09 3.31 -40.64
N HIS B 118 -19.80 4.33 -39.84
CA HIS B 118 -19.29 5.60 -40.37
C HIS B 118 -17.79 5.54 -40.58
N GLU B 119 -17.32 6.21 -41.64
CA GLU B 119 -15.88 6.35 -41.92
C GLU B 119 -15.54 7.82 -42.20
N LEU B 120 -14.89 8.47 -41.24
CA LEU B 120 -14.65 9.92 -41.32
C LEU B 120 -13.17 10.21 -41.43
N THR B 121 -12.75 10.91 -42.48
CA THR B 121 -11.37 11.30 -42.64
C THR B 121 -11.18 12.63 -41.91
N ALA B 122 -10.12 12.72 -41.14
CA ALA B 122 -9.84 13.93 -40.37
C ALA B 122 -8.42 14.41 -40.52
N ARG B 123 -8.25 15.73 -40.61
CA ARG B 123 -6.92 16.33 -40.71
C ARG B 123 -6.58 17.09 -39.45
N CYS B 124 -5.29 17.28 -39.23
CA CYS B 124 -4.83 17.98 -38.01
CA CYS B 124 -4.83 17.96 -38.02
C CYS B 124 -4.83 19.48 -38.14
N LEU B 125 -5.45 20.13 -37.19
CA LEU B 125 -5.41 21.60 -37.07
C LEU B 125 -4.26 22.07 -36.19
N ALA B 126 -3.84 21.24 -35.23
CA ALA B 126 -2.84 21.60 -34.21
C ALA B 126 -2.43 20.30 -33.52
N SER B 127 -1.24 20.29 -32.94
CA SER B 127 -0.78 19.08 -32.25
CA SER B 127 -0.75 19.08 -32.30
C SER B 127 0.29 19.48 -31.29
N GLY B 128 0.58 18.62 -30.34
CA GLY B 128 1.70 18.90 -29.44
C GLY B 128 2.07 17.66 -28.64
N LEU B 129 3.27 17.72 -28.10
CA LEU B 129 3.80 16.73 -27.15
C LEU B 129 3.66 17.28 -25.76
N VAL B 130 3.42 16.39 -24.81
CA VAL B 130 3.27 16.79 -23.43
C VAL B 130 4.19 15.93 -22.55
N ASP B 131 3.76 14.79 -22.05
CA ASP B 131 4.53 13.99 -21.12
C ASP B 131 5.27 12.88 -21.88
N PRO B 132 6.38 12.38 -21.32
CA PRO B 132 6.97 11.16 -21.87
C PRO B 132 5.98 9.99 -21.80
N PHE B 133 6.16 9.05 -22.70
CA PHE B 133 5.36 7.82 -22.70
C PHE B 133 6.11 6.77 -21.91
N PHE B 134 5.41 6.08 -20.99
CA PHE B 134 6.08 5.12 -20.12
C PHE B 134 6.89 4.10 -20.93
N GLY B 135 6.24 3.55 -21.94
CA GLY B 135 6.83 2.50 -22.80
C GLY B 135 5.98 1.27 -22.82
N PHE B 136 6.44 0.24 -23.52
CA PHE B 136 5.76 -1.03 -23.53
C PHE B 136 5.64 -1.58 -22.11
N ASN B 137 4.45 -1.99 -21.72
CA ASN B 137 4.22 -2.59 -20.42
C ASN B 137 3.13 -3.66 -20.63
N ARG B 138 3.47 -4.89 -20.27
CA ARG B 138 2.57 -5.99 -20.61
C ARG B 138 1.25 -5.88 -19.85
N ALA B 139 1.26 -5.34 -18.64
CA ALA B 139 0.03 -5.14 -17.89
C ALA B 139 -0.89 -4.12 -18.56
N LYS B 140 -0.38 -2.97 -18.99
CA LYS B 140 -1.21 -2.00 -19.71
C LYS B 140 -1.78 -2.64 -20.96
N HIS B 141 -0.99 -3.41 -21.68
CA HIS B 141 -1.48 -4.04 -22.89
C HIS B 141 -2.62 -5.00 -22.61
N ALA B 142 -2.49 -5.77 -21.55
CA ALA B 142 -3.55 -6.70 -21.21
C ALA B 142 -4.79 -6.05 -20.65
N VAL B 143 -4.65 -4.91 -20.00
CA VAL B 143 -5.79 -4.12 -19.58
C VAL B 143 -6.58 -3.65 -20.79
N ILE B 144 -5.90 -3.21 -21.84
CA ILE B 144 -6.59 -2.82 -23.06
C ILE B 144 -7.40 -3.99 -23.63
N GLU B 145 -6.81 -5.17 -23.69
CA GLU B 145 -7.51 -6.33 -24.24
C GLU B 145 -8.70 -6.71 -23.37
N ALA B 146 -8.57 -6.61 -22.05
CA ALA B 146 -9.67 -6.89 -21.16
C ALA B 146 -10.79 -5.87 -21.28
N ALA B 147 -10.45 -4.61 -21.44
CA ALA B 147 -11.44 -3.57 -21.61
C ALA B 147 -12.23 -3.75 -22.92
N VAL B 148 -11.55 -4.10 -24.00
CA VAL B 148 -12.23 -4.41 -25.28
C VAL B 148 -13.22 -5.55 -25.03
N ALA B 149 -12.79 -6.59 -24.35
CA ALA B 149 -13.68 -7.76 -24.12
C ALA B 149 -14.87 -7.38 -23.26
N ALA B 150 -14.68 -6.53 -22.27
CA ALA B 150 -15.75 -6.10 -21.39
C ALA B 150 -16.79 -5.23 -22.08
N THR B 151 -16.45 -4.66 -23.23
CA THR B 151 -17.40 -3.89 -24.06
C THR B 151 -18.20 -4.80 -25.00
N ARG B 152 -17.95 -6.12 -24.89
CA ARG B 152 -18.49 -7.09 -25.86
C ARG B 152 -19.18 -8.25 -25.14
N LEU B 153 -19.81 -7.97 -24.00
CA LEU B 153 -20.49 -9.01 -23.20
C LEU B 153 -21.67 -9.64 -23.95
N HIS B 154 -22.22 -8.88 -24.88
CA HIS B 154 -23.37 -9.30 -25.70
C HIS B 154 -22.91 -10.02 -26.97
N LEU B 155 -21.60 -10.15 -27.15
CA LEU B 155 -21.03 -10.73 -28.36
C LEU B 155 -20.11 -11.91 -28.09
N LEU B 156 -19.74 -12.09 -26.84
CA LEU B 156 -18.75 -13.13 -26.47
C LEU B 156 -19.28 -13.96 -25.33
N PRO B 157 -18.97 -15.27 -25.31
CA PRO B 157 -19.40 -16.11 -24.19
C PRO B 157 -18.58 -15.85 -22.91
N PRO B 158 -19.15 -16.19 -21.75
CA PRO B 158 -18.49 -15.87 -20.48
C PRO B 158 -17.07 -16.41 -20.35
N GLU B 159 -16.80 -17.59 -20.89
CA GLU B 159 -15.47 -18.20 -20.76
C GLU B 159 -14.40 -17.43 -21.53
N GLU B 160 -14.76 -16.84 -22.66
CA GLU B 160 -13.82 -16.03 -23.46
C GLU B 160 -13.53 -14.71 -22.76
N ILE B 161 -14.53 -14.08 -22.18
CA ILE B 161 -14.24 -12.84 -21.45
CA ILE B 161 -14.29 -12.86 -21.41
C ILE B 161 -13.41 -13.19 -20.21
N GLU B 162 -13.72 -14.28 -19.52
CA GLU B 162 -12.92 -14.69 -18.37
C GLU B 162 -11.47 -14.97 -18.73
N GLU B 163 -11.21 -15.49 -19.92
N GLU B 163 -11.25 -15.54 -19.91
CA GLU B 163 -9.85 -15.76 -20.32
CA GLU B 163 -9.92 -15.77 -20.43
C GLU B 163 -9.06 -14.46 -20.60
C GLU B 163 -9.15 -14.47 -20.50
N GLU B 164 -9.74 -13.43 -21.10
CA GLU B 164 -9.09 -12.13 -21.21
C GLU B 164 -8.82 -11.53 -19.84
N LEU B 165 -9.70 -11.72 -18.88
CA LEU B 165 -9.48 -11.22 -17.54
C LEU B 165 -8.34 -11.97 -16.90
N GLU B 166 -8.21 -13.26 -17.14
CA GLU B 166 -7.16 -14.06 -16.57
C GLU B 166 -5.80 -13.70 -17.18
N ARG B 167 -5.74 -13.47 -18.48
CA ARG B 167 -4.51 -13.00 -19.11
C ARG B 167 -4.11 -11.65 -18.51
N ALA B 168 -5.06 -10.77 -18.21
CA ALA B 168 -4.73 -9.54 -17.52
C ALA B 168 -4.22 -9.75 -16.13
N ARG B 169 -4.84 -10.64 -15.36
CA ARG B 169 -4.33 -10.93 -14.02
C ARG B 169 -2.85 -11.31 -14.07
N ILE B 170 -2.49 -12.20 -14.98
CA ILE B 170 -1.12 -12.72 -15.07
C ILE B 170 -0.17 -11.57 -15.44
N ALA B 171 -0.53 -10.79 -16.44
CA ALA B 171 0.32 -9.70 -16.90
C ALA B 171 0.47 -8.63 -15.83
N ILE B 172 -0.57 -8.34 -15.07
CA ILE B 172 -0.50 -7.35 -14.01
C ILE B 172 0.34 -7.84 -12.87
N GLU B 173 0.19 -9.08 -12.45
CA GLU B 173 1.02 -9.61 -11.39
CA GLU B 173 1.01 -9.61 -11.39
C GLU B 173 2.48 -9.50 -11.76
N LYS B 174 2.80 -9.83 -13.01
CA LYS B 174 4.20 -9.85 -13.43
C LYS B 174 4.76 -8.45 -13.64
N THR B 175 4.01 -7.53 -14.24
CA THR B 175 4.57 -6.29 -14.80
C THR B 175 3.86 -5.00 -14.42
N GLY B 176 2.71 -5.09 -13.73
CA GLY B 176 1.88 -3.92 -13.56
C GLY B 176 2.14 -3.07 -12.34
N GLY B 177 1.53 -1.91 -12.35
CA GLY B 177 1.48 -1.02 -11.20
C GLY B 177 0.04 -0.84 -10.69
N GLU B 178 -0.12 0.08 -9.76
CA GLU B 178 -1.42 0.35 -9.15
C GLU B 178 -2.51 0.73 -10.15
N PRO B 179 -2.24 1.54 -11.16
CA PRO B 179 -3.33 1.86 -12.10
C PRO B 179 -3.84 0.63 -12.84
N GLU B 180 -2.95 -0.30 -13.21
CA GLU B 180 -3.39 -1.48 -13.93
C GLU B 180 -4.13 -2.42 -13.02
N ARG B 181 -3.71 -2.54 -11.77
CA ARG B 181 -4.45 -3.33 -10.80
C ARG B 181 -5.85 -2.77 -10.61
N GLU B 182 -5.97 -1.46 -10.47
CA GLU B 182 -7.30 -0.87 -10.32
C GLU B 182 -8.14 -1.10 -11.55
N ALA B 183 -7.53 -0.97 -12.72
CA ALA B 183 -8.29 -1.14 -13.96
C ALA B 183 -8.90 -2.50 -14.03
N LEU B 184 -8.16 -3.54 -13.68
CA LEU B 184 -8.75 -4.87 -13.78
C LEU B 184 -9.85 -5.07 -12.77
N GLN B 185 -9.72 -4.53 -11.57
CA GLN B 185 -10.84 -4.56 -10.62
C GLN B 185 -12.09 -3.92 -11.17
N LEU B 186 -11.96 -2.76 -11.80
CA LEU B 186 -13.11 -2.06 -12.33
C LEU B 186 -13.72 -2.83 -13.47
N ILE B 187 -12.90 -3.44 -14.32
CA ILE B 187 -13.40 -4.24 -15.43
C ILE B 187 -14.12 -5.49 -14.93
N ARG B 188 -13.55 -6.18 -13.94
CA ARG B 188 -14.23 -7.35 -13.36
C ARG B 188 -15.56 -6.99 -12.75
N ARG B 189 -15.62 -5.87 -12.06
CA ARG B 189 -16.88 -5.40 -11.46
C ARG B 189 -17.92 -5.15 -12.54
N HIS B 190 -17.53 -4.54 -13.65
CA HIS B 190 -18.43 -4.29 -14.76
C HIS B 190 -18.96 -5.59 -15.34
N VAL B 191 -18.09 -6.58 -15.49
CA VAL B 191 -18.50 -7.87 -16.07
C VAL B 191 -19.51 -8.54 -15.13
N ARG B 192 -19.26 -8.49 -13.83
CA ARG B 192 -20.16 -9.10 -12.82
C ARG B 192 -21.53 -8.42 -12.82
N GLU B 193 -21.53 -7.09 -12.83
CA GLU B 193 -22.76 -6.31 -12.80
CA GLU B 193 -22.76 -6.31 -12.80
C GLU B 193 -23.63 -6.52 -14.03
N SER B 194 -22.99 -6.70 -15.19
CA SER B 194 -23.69 -6.89 -16.45
CA SER B 194 -23.69 -6.89 -16.45
C SER B 194 -24.31 -8.28 -16.56
N SER B 195 -23.70 -9.24 -15.87
CA SER B 195 -24.21 -10.62 -15.88
C SER B 195 -25.46 -10.74 -15.01
N ILE B 196 -25.51 -9.95 -13.94
CA ILE B 196 -26.66 -9.95 -13.02
C ILE B 196 -27.61 -8.79 -13.30
N SER C 2 -11.32 8.20 13.90
CA SER C 2 -11.54 6.80 13.37
C SER C 2 -10.88 5.82 14.33
N LEU C 3 -11.26 4.55 14.30
CA LEU C 3 -10.67 3.58 15.24
C LEU C 3 -9.31 3.16 14.71
N ILE C 4 -8.24 3.53 15.41
CA ILE C 4 -6.87 3.34 14.89
C ILE C 4 -6.02 2.53 15.85
N LEU C 5 -5.29 1.55 15.32
CA LEU C 5 -4.32 0.79 16.09
C LEU C 5 -2.94 1.41 15.92
N GLU C 6 -2.20 1.65 17.01
CA GLU C 6 -0.77 2.05 16.89
C GLU C 6 0.01 0.76 16.76
N SER C 7 0.43 0.48 15.51
CA SER C 7 1.00 -0.80 15.13
C SER C 7 2.45 -0.65 14.68
N LEU C 8 3.11 -1.78 14.51
CA LEU C 8 4.31 -1.86 13.68
C LEU C 8 4.00 -2.67 12.45
N VAL C 9 4.50 -2.20 11.31
CA VAL C 9 4.25 -2.88 10.02
CA VAL C 9 4.26 -2.89 10.02
C VAL C 9 5.56 -3.36 9.40
N THR C 10 5.60 -4.61 9.00
CA THR C 10 6.69 -5.08 8.14
C THR C 10 6.24 -5.11 6.69
N THR C 11 7.16 -4.77 5.81
CA THR C 11 6.99 -4.89 4.37
C THR C 11 8.31 -5.34 3.76
N LEU C 12 8.27 -5.83 2.51
CA LEU C 12 9.45 -6.25 1.75
C LEU C 12 9.57 -5.35 0.52
N ASP C 13 10.82 -5.02 0.20
CA ASP C 13 11.11 -4.35 -1.06
C ASP C 13 11.26 -5.36 -2.22
N GLU C 14 11.65 -4.86 -3.38
CA GLU C 14 11.69 -5.66 -4.60
C GLU C 14 12.72 -6.76 -4.48
N GLN C 15 13.69 -6.58 -3.60
CA GLN C 15 14.74 -7.58 -3.35
C GLN C 15 14.55 -8.40 -2.10
N GLY C 16 13.42 -8.23 -1.44
CA GLY C 16 13.09 -8.98 -0.22
C GLY C 16 13.66 -8.36 1.04
N ARG C 17 14.23 -7.17 0.95
CA ARG C 17 14.74 -6.52 2.16
C ARG C 17 13.59 -6.08 3.04
N ILE C 18 13.75 -6.27 4.34
CA ILE C 18 12.67 -6.09 5.29
C ILE C 18 12.68 -4.68 5.81
N ASN C 19 11.53 -4.04 5.83
CA ASN C 19 11.38 -2.77 6.48
C ASN C 19 10.43 -2.90 7.66
N LEU C 20 10.72 -2.25 8.76
CA LEU C 20 9.87 -2.21 9.96
C LEU C 20 9.57 -0.78 10.30
N ALA C 21 8.31 -0.38 10.41
CA ALA C 21 8.00 1.00 10.70
C ALA C 21 6.68 1.12 11.43
N PRO C 22 6.43 2.25 12.10
CA PRO C 22 5.11 2.41 12.70
C PRO C 22 4.07 2.65 11.64
N LEU C 23 2.84 2.29 11.94
CA LEU C 23 1.70 2.62 11.11
C LEU C 23 0.48 2.68 12.01
N GLY C 24 -0.45 3.55 11.66
CA GLY C 24 -1.74 3.68 12.39
C GLY C 24 -2.90 3.30 11.50
N PRO C 25 -3.05 2.03 11.17
CA PRO C 25 -4.16 1.66 10.30
C PRO C 25 -5.53 1.85 11.00
N ILE C 26 -6.53 2.20 10.19
CA ILE C 26 -7.90 2.23 10.67
C ILE C 26 -8.42 0.81 10.65
N VAL C 27 -9.05 0.39 11.71
CA VAL C 27 -9.67 -0.92 11.79
C VAL C 27 -11.06 -0.85 11.18
N LEU C 28 -11.28 -1.65 10.15
CA LEU C 28 -12.53 -1.69 9.45
C LEU C 28 -13.31 -2.92 9.92
N PRO C 29 -14.66 -2.91 9.73
CA PRO C 29 -15.47 -4.08 10.02
C PRO C 29 -15.00 -5.33 9.29
N PRO C 30 -15.25 -6.50 9.90
CA PRO C 30 -14.91 -7.72 9.18
C PRO C 30 -15.86 -7.94 7.99
N GLN C 31 -15.42 -8.81 7.08
CA GLN C 31 -16.27 -9.18 5.93
C GLN C 31 -17.46 -10.07 6.35
N SER C 32 -17.35 -10.73 7.50
CA SER C 32 -18.40 -11.59 8.06
C SER C 32 -18.37 -11.50 9.58
N PRO C 33 -19.54 -11.64 10.24
CA PRO C 33 -19.56 -11.56 11.71
C PRO C 33 -18.60 -12.55 12.39
N GLY C 34 -17.84 -12.07 13.38
CA GLY C 34 -16.85 -12.89 14.07
C GLY C 34 -15.51 -12.97 13.35
N GLY C 35 -15.48 -12.45 12.12
CA GLY C 35 -14.30 -12.53 11.24
C GLY C 35 -13.19 -11.57 11.59
N LEU C 36 -12.08 -11.73 10.87
CA LEU C 36 -10.92 -10.87 11.12
C LEU C 36 -11.22 -9.45 10.64
N PRO C 37 -10.60 -8.46 11.29
CA PRO C 37 -10.80 -7.09 10.83
C PRO C 37 -10.23 -6.92 9.42
N GLN C 38 -10.75 -5.95 8.67
CA GLN C 38 -10.00 -5.42 7.52
C GLN C 38 -9.34 -4.12 7.98
N PHE C 39 -8.51 -3.53 7.12
CA PHE C 39 -7.75 -2.36 7.52
C PHE C 39 -7.72 -1.33 6.43
N LEU C 40 -7.76 -0.05 6.78
CA LEU C 40 -7.47 1.02 5.84
C LEU C 40 -6.13 1.59 6.20
N LEU C 41 -5.21 1.46 5.24
CA LEU C 41 -3.82 1.89 5.39
C LEU C 41 -3.63 3.21 4.70
N ARG C 42 -3.01 4.16 5.38
CA ARG C 42 -2.77 5.49 4.83
CA ARG C 42 -2.75 5.46 4.78
C ARG C 42 -1.28 5.76 4.97
N PRO C 43 -0.43 5.01 4.24
CA PRO C 43 1.00 5.15 4.39
C PRO C 43 1.45 6.49 3.81
N TYR C 44 2.53 7.03 4.33
CA TYR C 44 2.99 8.34 3.92
C TYR C 44 3.80 8.29 2.66
N GLU C 45 3.44 9.12 1.68
CA GLU C 45 4.08 9.11 0.37
C GLU C 45 5.58 9.29 0.51
N GLY C 46 6.34 8.44 -0.17
CA GLY C 46 7.79 8.52 -0.15
C GLY C 46 8.45 7.67 0.92
N SER C 47 7.67 7.20 1.91
CA SER C 47 8.23 6.33 2.95
C SER C 47 8.52 4.95 2.37
N THR C 48 9.43 4.21 2.98
CA THR C 48 9.70 2.86 2.53
C THR C 48 8.46 1.97 2.63
N THR C 49 7.72 2.12 3.72
CA THR C 49 6.45 1.37 3.84
C THR C 49 5.52 1.63 2.68
N CYS C 50 5.35 2.90 2.33
CA CYS C 50 4.48 3.23 1.24
C CYS C 50 5.01 2.67 -0.09
N ASP C 51 6.30 2.86 -0.38
CA ASP C 51 6.86 2.28 -1.61
C ASP C 51 6.64 0.79 -1.69
N ASN C 52 6.85 0.09 -0.59
CA ASN C 52 6.75 -1.34 -0.60
C ASN C 52 5.29 -1.82 -0.70
N LEU C 53 4.35 -1.09 -0.07
CA LEU C 53 2.92 -1.40 -0.24
C LEU C 53 2.48 -1.20 -1.66
N LEU C 54 2.91 -0.11 -2.26
CA LEU C 54 2.47 0.17 -3.63
C LEU C 54 3.11 -0.77 -4.64
N ALA C 55 4.29 -1.29 -4.33
CA ALA C 55 4.93 -2.26 -5.24
C ALA C 55 4.38 -3.66 -5.06
N SER C 56 4.23 -4.11 -3.81
CA SER C 56 3.96 -5.51 -3.54
C SER C 56 2.52 -5.82 -3.20
N GLY C 57 1.81 -4.85 -2.63
CA GLY C 57 0.45 -5.11 -2.12
C GLY C 57 0.39 -5.86 -0.83
N ASN C 58 1.51 -6.15 -0.18
CA ASN C 58 1.57 -7.00 1.01
C ASN C 58 2.12 -6.25 2.20
N ALA C 59 1.67 -6.61 3.42
CA ALA C 59 2.27 -6.09 4.64
C ALA C 59 1.87 -7.01 5.77
N VAL C 60 2.53 -6.87 6.90
CA VAL C 60 2.10 -7.53 8.13
C VAL C 60 1.94 -6.45 9.21
N ILE C 61 0.73 -6.38 9.77
CA ILE C 61 0.37 -5.41 10.81
C ILE C 61 0.50 -6.12 12.15
N HIS C 62 1.22 -5.51 13.10
CA HIS C 62 1.46 -6.13 14.40
C HIS C 62 0.86 -5.36 15.54
N VAL C 63 0.21 -6.10 16.44
CA VAL C 63 -0.16 -5.61 17.77
C VAL C 63 1.00 -5.92 18.67
N ILE C 64 1.56 -4.85 19.23
CA ILE C 64 2.73 -4.97 20.12
C ILE C 64 2.52 -4.10 21.37
N ASP C 65 3.17 -4.52 22.45
CA ASP C 65 3.29 -3.71 23.66
C ASP C 65 4.66 -3.10 23.80
N ASP C 66 5.44 -3.11 22.71
CA ASP C 66 6.82 -2.60 22.68
C ASP C 66 6.84 -1.14 22.20
N ALA C 67 6.63 -0.25 23.15
CA ALA C 67 6.66 1.18 22.86
C ALA C 67 8.07 1.65 22.45
N LEU C 68 9.08 1.02 23.01
CA LEU C 68 10.47 1.35 22.62
C LEU C 68 10.71 1.13 21.14
N LEU C 69 10.24 -0.01 20.62
CA LEU C 69 10.49 -0.30 19.22
C LEU C 69 9.71 0.63 18.31
N ILE C 70 8.50 1.03 18.73
CA ILE C 70 7.77 2.06 18.00
C ILE C 70 8.57 3.36 17.97
N ALA C 71 9.04 3.79 19.14
CA ALA C 71 9.88 5.00 19.18
C ALA C 71 11.11 4.88 18.28
N LYS C 72 11.83 3.76 18.37
CA LYS C 72 13.05 3.63 17.56
C LYS C 72 12.74 3.72 16.05
N THR C 73 11.67 3.06 15.59
CA THR C 73 11.38 3.03 14.15
C THR C 73 10.66 4.30 13.67
N ALA C 74 10.13 5.09 14.60
CA ALA C 74 9.56 6.40 14.29
C ALA C 74 10.65 7.42 14.03
N ILE C 75 11.77 7.28 14.73
CA ILE C 75 12.85 8.29 14.69
C ILE C 75 13.94 7.95 13.70
N GLY C 76 14.09 6.68 13.34
CA GLY C 76 15.17 6.28 12.45
C GLY C 76 14.98 4.87 11.92
N LYS C 77 15.97 4.36 11.20
CA LYS C 77 15.89 3.04 10.59
C LYS C 77 16.40 1.99 11.59
N VAL C 78 15.65 0.91 11.76
CA VAL C 78 16.04 -0.23 12.55
C VAL C 78 16.21 -1.41 11.62
N ASP C 79 17.36 -2.08 11.72
CA ASP C 79 17.62 -3.31 10.97
C ASP C 79 16.78 -4.41 11.58
N ALA C 80 15.77 -4.85 10.85
CA ALA C 80 14.84 -5.81 11.38
C ALA C 80 15.10 -7.22 10.89
N SER C 81 16.19 -7.43 10.13
CA SER C 81 16.49 -8.74 9.55
CA SER C 81 16.45 -8.73 9.54
C SER C 81 16.47 -9.88 10.55
N ASP C 82 16.99 -9.64 11.75
CA ASP C 82 17.05 -10.68 12.78
C ASP C 82 15.87 -10.65 13.77
N LEU C 83 14.95 -9.73 13.53
CA LEU C 83 13.79 -9.56 14.44
C LEU C 83 12.56 -10.31 13.94
N VAL C 84 12.64 -10.93 12.76
CA VAL C 84 11.44 -11.46 12.10
C VAL C 84 11.62 -12.89 11.67
N VAL C 85 10.50 -13.56 11.36
CA VAL C 85 10.49 -14.90 10.78
C VAL C 85 9.47 -14.92 9.62
N PRO C 86 9.73 -15.69 8.57
CA PRO C 86 8.75 -15.79 7.51
C PRO C 86 7.46 -16.44 7.99
N ILE C 87 6.33 -16.00 7.47
CA ILE C 87 5.02 -16.54 7.91
C ILE C 87 4.69 -17.82 7.15
N PRO C 88 4.33 -18.90 7.89
CA PRO C 88 3.91 -20.13 7.20
C PRO C 88 2.79 -19.88 6.19
N GLY C 89 2.96 -20.43 4.98
CA GLY C 89 2.06 -20.18 3.88
C GLY C 89 2.34 -18.96 3.06
N LEU C 90 3.24 -18.09 3.56
CA LEU C 90 3.49 -16.76 2.95
C LEU C 90 4.94 -16.42 3.03
N GLU C 91 5.82 -17.42 2.97
CA GLU C 91 7.22 -17.16 3.37
C GLU C 91 7.93 -16.22 2.47
N ASP C 92 7.57 -16.15 1.21
CA ASP C 92 8.31 -15.22 0.35
CA ASP C 92 8.21 -15.28 0.23
C ASP C 92 7.67 -13.86 0.21
N THR C 93 6.55 -13.62 0.91
CA THR C 93 5.90 -12.34 0.79
C THR C 93 5.64 -11.62 2.11
N HIS C 94 5.65 -12.35 3.22
CA HIS C 94 5.23 -11.75 4.51
C HIS C 94 6.10 -12.28 5.63
N VAL C 95 6.60 -11.39 6.48
CA VAL C 95 7.39 -11.77 7.65
C VAL C 95 6.78 -11.14 8.88
N ARG C 96 6.86 -11.82 10.01
CA ARG C 96 6.34 -11.25 11.24
C ARG C 96 7.43 -11.13 12.27
N LEU C 97 7.25 -10.20 13.18
CA LEU C 97 8.14 -10.06 14.34
C LEU C 97 8.10 -11.31 15.16
N LYS C 98 9.28 -11.75 15.63
CA LYS C 98 9.40 -12.85 16.56
C LYS C 98 8.67 -12.52 17.85
N ARG C 99 8.79 -11.29 18.30
CA ARG C 99 8.16 -10.85 19.52
C ARG C 99 7.05 -9.87 19.19
N CYS C 100 5.81 -10.31 19.42
CA CYS C 100 4.63 -9.46 19.25
C CYS C 100 3.48 -10.16 19.97
N HIS C 101 2.37 -9.46 20.16
CA HIS C 101 1.17 -10.13 20.64
C HIS C 101 0.39 -10.79 19.51
N ARG C 102 0.16 -10.06 18.42
CA ARG C 102 -0.67 -10.58 17.36
C ARG C 102 -0.15 -10.02 16.02
N TRP C 103 -0.32 -10.79 14.96
CA TRP C 103 0.07 -10.32 13.62
C TRP C 103 -1.05 -10.61 12.66
N PHE C 104 -1.19 -9.73 11.68
CA PHE C 104 -2.19 -9.84 10.63
C PHE C 104 -1.41 -9.72 9.31
N ALA C 105 -1.38 -10.82 8.54
CA ALA C 105 -0.71 -10.79 7.22
C ALA C 105 -1.74 -10.36 6.22
N VAL C 106 -1.57 -9.20 5.64
CA VAL C 106 -2.61 -8.56 4.82
C VAL C 106 -2.18 -8.40 3.36
N ARG C 107 -3.17 -8.24 2.51
CA ARG C 107 -2.99 -7.95 1.10
C ARG C 107 -4.02 -6.89 0.67
N VAL C 108 -3.51 -5.96 -0.11
CA VAL C 108 -4.35 -4.86 -0.61
C VAL C 108 -5.45 -5.38 -1.51
N THR C 109 -6.67 -4.94 -1.21
CA THR C 109 -7.89 -5.29 -1.97
C THR C 109 -8.50 -4.11 -2.70
N GLN C 110 -8.23 -2.88 -2.29
CA GLN C 110 -8.79 -1.69 -2.95
CA GLN C 110 -8.78 -1.69 -2.94
C GLN C 110 -7.79 -0.57 -2.79
N ARG C 111 -7.77 0.37 -3.73
CA ARG C 111 -6.86 1.51 -3.69
C ARG C 111 -7.59 2.77 -4.09
N ALA C 112 -7.25 3.87 -3.43
CA ALA C 112 -7.84 5.18 -3.71
C ALA C 112 -6.89 6.22 -3.14
N GLY C 113 -7.34 7.47 -3.20
CA GLY C 113 -6.60 8.58 -2.62
C GLY C 113 -6.23 9.55 -3.71
N THR C 114 -6.33 10.84 -3.40
CA THR C 114 -5.90 11.88 -4.30
C THR C 114 -4.43 12.15 -4.02
N PRO C 115 -3.57 11.97 -5.05
CA PRO C 115 -2.13 12.18 -4.86
C PRO C 115 -1.84 13.53 -4.17
N PRO C 116 -0.94 13.51 -3.17
CA PRO C 116 -0.06 12.42 -2.76
C PRO C 116 -0.61 11.49 -1.66
N ARG C 117 -1.89 11.57 -1.35
CA ARG C 117 -2.50 10.72 -0.31
C ARG C 117 -2.80 9.32 -0.85
N HIS C 118 -2.72 8.31 0.02
CA HIS C 118 -2.99 6.91 -0.33
C HIS C 118 -3.95 6.33 0.63
N GLU C 119 -4.92 5.59 0.10
CA GLU C 119 -5.86 4.89 0.93
C GLU C 119 -5.93 3.48 0.39
N LEU C 120 -5.32 2.56 1.10
CA LEU C 120 -5.25 1.16 0.63
C LEU C 120 -6.10 0.32 1.56
N THR C 121 -7.12 -0.33 1.05
CA THR C 121 -7.89 -1.25 1.88
C THR C 121 -7.16 -2.58 1.83
N ALA C 122 -7.04 -3.27 2.94
CA ALA C 122 -6.34 -4.55 2.99
C ALA C 122 -7.14 -5.56 3.79
N ARG C 123 -7.08 -6.82 3.36
CA ARG C 123 -7.74 -7.92 4.07
C ARG C 123 -6.72 -8.92 4.56
N CYS C 124 -7.03 -9.63 5.61
CA CYS C 124 -6.11 -10.61 6.16
C CYS C 124 -6.11 -11.88 5.34
N LEU C 125 -4.93 -12.34 4.98
CA LEU C 125 -4.74 -13.68 4.44
C LEU C 125 -4.51 -14.67 5.54
N ALA C 126 -3.96 -14.23 6.68
CA ALA C 126 -3.65 -15.09 7.81
C ALA C 126 -3.43 -14.20 9.03
N SER C 127 -3.54 -14.77 10.22
CA SER C 127 -3.24 -14.05 11.45
CA SER C 127 -3.28 -14.05 11.44
C SER C 127 -2.80 -15.01 12.52
N GLY C 128 -2.14 -14.52 13.56
CA GLY C 128 -1.74 -15.43 14.62
C GLY C 128 -1.43 -14.66 15.89
N LEU C 129 -1.54 -15.38 17.00
CA LEU C 129 -1.16 -14.88 18.30
C LEU C 129 0.15 -15.43 18.74
N VAL C 130 0.96 -14.61 19.37
CA VAL C 130 2.28 -15.00 19.79
C VAL C 130 2.41 -14.84 21.31
N ASP C 131 2.83 -13.68 21.78
CA ASP C 131 3.07 -13.45 23.22
C ASP C 131 1.83 -12.83 23.86
N PRO C 132 1.65 -13.01 25.17
CA PRO C 132 0.63 -12.21 25.86
C PRO C 132 0.97 -10.72 25.78
N PHE C 133 -0.06 -9.88 25.85
CA PHE C 133 0.08 -8.44 25.87
C PHE C 133 0.20 -8.03 27.35
N PHE C 134 1.16 -7.19 27.70
CA PHE C 134 1.35 -6.79 29.10
C PHE C 134 0.08 -6.25 29.70
N GLY C 135 -0.53 -5.33 28.98
CA GLY C 135 -1.72 -4.64 29.40
C GLY C 135 -1.54 -3.16 29.38
N PHE C 136 -2.54 -2.42 29.81
CA PHE C 136 -2.44 -0.97 29.90
C PHE C 136 -1.30 -0.57 30.86
N ASN C 137 -0.46 0.35 30.39
CA ASN C 137 0.69 0.83 31.18
C ASN C 137 0.87 2.30 30.82
N ARG C 138 0.79 3.14 31.85
CA ARG C 138 0.75 4.59 31.58
C ARG C 138 2.08 5.08 31.00
N ALA C 139 3.19 4.46 31.36
CA ALA C 139 4.50 4.82 30.78
C ALA C 139 4.57 4.51 29.27
N LYS C 140 4.12 3.30 28.87
CA LYS C 140 4.11 2.97 27.45
C LYS C 140 3.22 3.91 26.69
N HIS C 141 2.08 4.26 27.28
CA HIS C 141 1.15 5.17 26.61
C HIS C 141 1.77 6.55 26.40
N ALA C 142 2.48 7.04 27.42
CA ALA C 142 3.13 8.34 27.33
C ALA C 142 4.30 8.33 26.36
N VAL C 143 5.03 7.23 26.26
CA VAL C 143 6.08 7.10 25.24
C VAL C 143 5.48 7.25 23.84
N ILE C 144 4.33 6.62 23.59
CA ILE C 144 3.68 6.75 22.29
C ILE C 144 3.31 8.20 22.02
N GLU C 145 2.73 8.89 23.00
CA GLU C 145 2.36 10.30 22.81
C GLU C 145 3.59 11.16 22.52
N ALA C 146 4.65 10.90 23.23
CA ALA C 146 5.91 11.65 23.00
C ALA C 146 6.49 11.36 21.63
N ALA C 147 6.49 10.10 21.19
CA ALA C 147 7.00 9.76 19.88
C ALA C 147 6.16 10.40 18.77
N VAL C 148 4.84 10.42 18.92
CA VAL C 148 3.98 11.08 17.93
C VAL C 148 4.31 12.58 17.88
N ALA C 149 4.43 13.22 19.03
CA ALA C 149 4.71 14.68 19.10
C ALA C 149 6.03 15.01 18.43
N ALA C 150 7.02 14.17 18.63
CA ALA C 150 8.39 14.44 18.17
C ALA C 150 8.55 14.18 16.66
N THR C 151 7.58 13.53 16.04
CA THR C 151 7.73 13.11 14.65
C THR C 151 6.64 13.66 13.74
N ARG C 152 5.85 14.62 14.25
CA ARG C 152 4.83 15.32 13.47
C ARG C 152 5.46 15.95 12.23
N LEU C 153 4.71 15.98 11.12
CA LEU C 153 5.17 16.65 9.89
C LEU C 153 5.48 18.13 10.13
N HIS C 154 4.63 18.80 10.88
CA HIS C 154 4.87 20.21 11.23
C HIS C 154 5.22 20.29 12.71
N LEU C 155 6.39 20.85 12.99
CA LEU C 155 6.98 20.86 14.33
C LEU C 155 6.05 21.60 15.29
N LEU C 156 5.84 21.05 16.47
CA LEU C 156 5.10 21.77 17.50
C LEU C 156 6.03 22.85 18.09
N PRO C 157 5.45 23.88 18.75
CA PRO C 157 6.33 24.83 19.45
C PRO C 157 7.16 24.11 20.50
N PRO C 158 8.45 24.51 20.65
CA PRO C 158 9.41 23.83 21.54
C PRO C 158 8.90 23.56 22.96
N GLU C 159 8.14 24.49 23.51
CA GLU C 159 7.59 24.35 24.85
C GLU C 159 6.49 23.28 24.88
N GLU C 160 5.77 23.14 23.77
CA GLU C 160 4.69 22.15 23.66
C GLU C 160 5.26 20.76 23.56
N ILE C 161 6.31 20.57 22.76
CA ILE C 161 6.97 19.29 22.72
CA ILE C 161 6.97 19.27 22.73
C ILE C 161 7.59 18.95 24.08
N GLU C 162 8.18 19.94 24.76
CA GLU C 162 8.75 19.66 26.07
CA GLU C 162 8.73 19.67 26.08
C GLU C 162 7.69 19.27 27.09
N GLU C 163 6.50 19.86 27.00
CA GLU C 163 5.36 19.44 27.84
C GLU C 163 5.03 17.95 27.66
N GLU C 164 5.00 17.48 26.42
CA GLU C 164 4.77 16.05 26.17
C GLU C 164 5.88 15.18 26.70
N LEU C 165 7.12 15.67 26.58
CA LEU C 165 8.27 14.90 27.08
C LEU C 165 8.26 14.84 28.61
N GLU C 166 7.80 15.92 29.25
CA GLU C 166 7.75 15.96 30.70
C GLU C 166 6.62 15.08 31.22
N ARG C 167 5.47 15.07 30.54
CA ARG C 167 4.40 14.13 30.92
C ARG C 167 4.91 12.71 30.82
N ALA C 168 5.67 12.42 29.77
CA ALA C 168 6.22 11.10 29.65
C ALA C 168 7.20 10.78 30.77
N ARG C 169 8.09 11.73 31.07
CA ARG C 169 9.07 11.50 32.13
C ARG C 169 8.39 11.06 33.43
N ILE C 170 7.36 11.80 33.79
CA ILE C 170 6.64 11.56 35.03
C ILE C 170 5.91 10.21 35.00
N ALA C 171 5.25 9.90 33.88
CA ALA C 171 4.54 8.61 33.76
C ALA C 171 5.52 7.45 33.82
N ILE C 172 6.71 7.64 33.24
CA ILE C 172 7.74 6.61 33.26
C ILE C 172 8.28 6.37 34.66
N GLU C 173 8.51 7.47 35.38
CA GLU C 173 9.01 7.32 36.73
C GLU C 173 7.98 6.59 37.59
N LYS C 174 6.70 6.89 37.38
CA LYS C 174 5.66 6.31 38.21
C LYS C 174 5.31 4.86 37.85
N THR C 175 5.36 4.51 36.55
CA THR C 175 4.77 3.23 36.11
C THR C 175 5.61 2.40 35.17
N GLY C 176 6.77 2.90 34.71
CA GLY C 176 7.48 2.26 33.63
C GLY C 176 8.77 1.55 34.00
N GLY C 177 9.47 1.05 32.99
CA GLY C 177 10.70 0.28 33.15
C GLY C 177 11.82 0.85 32.31
N GLU C 178 12.94 0.14 32.29
CA GLU C 178 14.10 0.55 31.50
C GLU C 178 13.79 0.78 30.00
N PRO C 179 12.98 -0.12 29.35
CA PRO C 179 12.68 0.15 27.92
C PRO C 179 12.01 1.50 27.68
N GLU C 180 11.08 1.87 28.56
CA GLU C 180 10.38 3.16 28.43
C GLU C 180 11.32 4.33 28.71
N ARG C 181 12.17 4.17 29.73
CA ARG C 181 13.23 5.15 30.00
C ARG C 181 14.16 5.37 28.82
N GLU C 182 14.60 4.26 28.20
CA GLU C 182 15.41 4.37 26.99
C GLU C 182 14.68 5.04 25.84
N ALA C 183 13.40 4.70 25.66
CA ALA C 183 12.64 5.32 24.59
C ALA C 183 12.59 6.84 24.72
N LEU C 184 12.31 7.31 25.95
CA LEU C 184 12.24 8.76 26.14
C LEU C 184 13.60 9.44 25.87
N GLN C 185 14.68 8.76 26.26
CA GLN C 185 16.03 9.26 25.97
C GLN C 185 16.24 9.42 24.48
N LEU C 186 15.80 8.43 23.71
CA LEU C 186 15.97 8.45 22.27
C LEU C 186 15.11 9.51 21.63
N ILE C 187 13.90 9.71 22.16
CA ILE C 187 12.98 10.71 21.62
C ILE C 187 13.54 12.12 21.90
N ARG C 188 14.00 12.33 23.14
CA ARG C 188 14.61 13.63 23.51
C ARG C 188 15.75 13.97 22.57
N ARG C 189 16.59 12.97 22.26
CA ARG C 189 17.74 13.18 21.36
C ARG C 189 17.26 13.62 19.97
N HIS C 190 16.25 12.94 19.45
CA HIS C 190 15.66 13.28 18.16
C HIS C 190 15.09 14.70 18.10
N VAL C 191 14.42 15.14 19.16
CA VAL C 191 13.86 16.49 19.21
C VAL C 191 14.96 17.56 19.18
N ARG C 192 16.01 17.32 19.96
CA ARG C 192 17.18 18.22 20.02
C ARG C 192 17.84 18.40 18.65
N GLU C 193 17.92 17.30 17.90
CA GLU C 193 18.44 17.31 16.53
C GLU C 193 17.39 17.86 15.58
N SER D 2 7.73 2.15 39.66
CA SER D 2 7.72 0.67 39.52
C SER D 2 6.87 0.28 38.32
N LEU D 3 6.94 -0.96 37.88
CA LEU D 3 6.20 -1.43 36.67
C LEU D 3 4.72 -1.77 36.93
N ILE D 4 3.81 -0.91 36.50
CA ILE D 4 2.42 -0.97 36.97
C ILE D 4 1.44 -1.32 35.84
N LEU D 5 0.59 -2.31 36.09
CA LEU D 5 -0.48 -2.67 35.17
C LEU D 5 -1.75 -1.92 35.55
N GLU D 6 -2.41 -1.23 34.63
CA GLU D 6 -3.76 -0.71 34.90
C GLU D 6 -4.77 -1.82 34.62
N SER D 7 -5.26 -2.41 35.71
CA SER D 7 -6.02 -3.67 35.68
C SER D 7 -7.45 -3.43 36.16
N LEU D 8 -8.28 -4.45 35.99
CA LEU D 8 -9.50 -4.57 36.74
C LEU D 8 -9.35 -5.74 37.69
N VAL D 9 -9.82 -5.56 38.93
CA VAL D 9 -9.73 -6.58 39.95
C VAL D 9 -11.12 -6.98 40.46
N THR D 10 -11.36 -8.29 40.55
CA THR D 10 -12.54 -8.78 41.22
C THR D 10 -12.12 -9.30 42.59
N THR D 11 -13.02 -9.04 43.54
CA THR D 11 -12.90 -9.59 44.89
C THR D 11 -14.32 -9.89 45.38
N LEU D 12 -14.39 -10.67 46.48
CA LEU D 12 -15.68 -11.07 47.09
C LEU D 12 -15.67 -10.57 48.53
N ASP D 13 -16.85 -10.14 48.99
CA ASP D 13 -17.01 -9.85 50.41
C ASP D 13 -17.34 -11.13 51.17
N GLU D 14 -17.62 -10.96 52.47
CA GLU D 14 -17.85 -12.07 53.41
CA GLU D 14 -17.81 -12.09 53.36
C GLU D 14 -19.10 -12.86 53.05
N GLN D 15 -20.05 -12.18 52.42
CA GLN D 15 -21.29 -12.80 51.95
C GLN D 15 -21.22 -13.26 50.49
N GLY D 16 -20.03 -13.17 49.87
CA GLY D 16 -19.87 -13.58 48.47
C GLY D 16 -20.25 -12.54 47.44
N ARG D 17 -20.58 -11.31 47.85
CA ARG D 17 -20.92 -10.25 46.91
C ARG D 17 -19.68 -9.82 46.11
N ILE D 18 -19.87 -9.72 44.80
CA ILE D 18 -18.76 -9.47 43.87
C ILE D 18 -18.50 -7.98 43.72
N ASN D 19 -17.23 -7.59 43.81
CA ASN D 19 -16.83 -6.23 43.49
C ASN D 19 -15.87 -6.23 42.30
N LEU D 20 -16.04 -5.25 41.42
CA LEU D 20 -15.14 -5.08 40.25
C LEU D 20 -14.63 -3.66 40.29
N ALA D 21 -13.32 -3.47 40.31
CA ALA D 21 -12.78 -2.11 40.44
C ALA D 21 -11.43 -2.00 39.76
N PRO D 22 -11.00 -0.78 39.44
CA PRO D 22 -9.65 -0.60 38.92
C PRO D 22 -8.61 -0.90 40.01
N LEU D 23 -7.45 -1.38 39.61
CA LEU D 23 -6.31 -1.55 40.50
C LEU D 23 -5.05 -1.38 39.69
N GLY D 24 -4.01 -0.82 40.28
CA GLY D 24 -2.71 -0.68 39.60
C GLY D 24 -1.64 -1.49 40.27
N PRO D 25 -1.68 -2.81 40.18
CA PRO D 25 -0.64 -3.60 40.84
C PRO D 25 0.72 -3.45 40.18
N ILE D 26 1.76 -3.51 41.00
CA ILE D 26 3.11 -3.65 40.50
C ILE D 26 3.32 -5.09 40.08
N VAL D 27 3.84 -5.32 38.88
CA VAL D 27 4.06 -6.64 38.37
C VAL D 27 5.50 -7.05 38.62
N LEU D 28 5.67 -8.04 39.48
CA LEU D 28 6.98 -8.54 39.91
C LEU D 28 7.36 -9.70 39.02
N PRO D 29 8.50 -9.62 38.32
CA PRO D 29 8.75 -10.62 37.30
C PRO D 29 9.01 -12.02 37.88
N PRO D 30 8.76 -13.07 37.07
CA PRO D 30 9.11 -14.45 37.50
C PRO D 30 10.61 -14.67 37.49
N GLN D 31 11.05 -15.72 38.17
CA GLN D 31 12.47 -16.09 38.15
C GLN D 31 12.90 -16.53 36.76
N SER D 32 11.99 -17.20 36.04
CA SER D 32 12.29 -17.76 34.71
C SER D 32 11.36 -17.13 33.68
N PRO D 33 11.89 -16.79 32.49
CA PRO D 33 11.00 -16.23 31.45
C PRO D 33 9.86 -17.17 31.11
N GLY D 34 8.65 -16.63 31.03
CA GLY D 34 7.48 -17.46 30.77
C GLY D 34 6.76 -17.96 32.02
N GLY D 35 7.40 -17.82 33.18
CA GLY D 35 6.74 -18.13 34.46
C GLY D 35 5.70 -17.09 34.82
N LEU D 36 4.88 -17.38 35.82
CA LEU D 36 3.89 -16.42 36.28
C LEU D 36 4.52 -15.39 37.21
N PRO D 37 4.07 -14.13 37.10
CA PRO D 37 4.56 -13.08 37.96
C PRO D 37 3.97 -13.15 39.34
N GLN D 38 4.51 -12.33 40.25
CA GLN D 38 3.84 -12.00 41.48
C GLN D 38 3.39 -10.55 41.37
N PHE D 39 2.66 -10.06 42.36
CA PHE D 39 2.11 -8.73 42.30
C PHE D 39 2.26 -8.05 43.64
N LEU D 40 2.49 -6.76 43.62
CA LEU D 40 2.40 -5.96 44.83
C LEU D 40 1.15 -5.08 44.73
N LEU D 41 0.22 -5.31 45.62
CA LEU D 41 -1.05 -4.62 45.62
C LEU D 41 -1.02 -3.50 46.64
N ARG D 42 -1.52 -2.33 46.26
CA ARG D 42 -1.54 -1.18 47.15
C ARG D 42 -2.93 -0.57 47.12
N PRO D 43 -3.93 -1.30 47.66
CA PRO D 43 -5.29 -0.77 47.59
C PRO D 43 -5.51 0.39 48.57
N TYR D 44 -6.46 1.26 48.23
CA TYR D 44 -6.72 2.43 49.06
C TYR D 44 -7.60 2.04 50.25
N GLU D 45 -7.16 2.40 51.46
CA GLU D 45 -7.92 2.10 52.69
C GLU D 45 -9.39 2.54 52.60
N GLY D 46 -10.30 1.66 52.98
CA GLY D 46 -11.73 1.96 52.97
C GLY D 46 -12.47 1.65 51.69
N SER D 47 -11.74 1.36 50.62
CA SER D 47 -12.37 0.90 49.38
C SER D 47 -12.90 -0.52 49.60
N THR D 48 -13.91 -0.89 48.81
CA THR D 48 -14.42 -2.25 48.83
C THR D 48 -13.32 -3.25 48.50
N THR D 49 -12.50 -2.96 47.50
CA THR D 49 -11.37 -3.83 47.17
C THR D 49 -10.44 -4.04 48.35
N CYS D 50 -10.10 -2.96 49.04
CA CYS D 50 -9.18 -3.10 50.16
C CYS D 50 -9.80 -3.91 51.29
N ASP D 51 -11.05 -3.63 51.59
CA ASP D 51 -11.76 -4.40 52.63
C ASP D 51 -11.78 -5.90 52.31
N ASN D 52 -12.12 -6.23 51.06
CA ASN D 52 -12.18 -7.62 50.66
C ASN D 52 -10.82 -8.30 50.63
N LEU D 53 -9.80 -7.58 50.18
CA LEU D 53 -8.46 -8.13 50.17
C LEU D 53 -7.94 -8.44 51.57
N LEU D 54 -8.21 -7.54 52.51
CA LEU D 54 -7.75 -7.73 53.89
C LEU D 54 -8.50 -8.87 54.57
N ALA D 55 -9.79 -8.99 54.26
CA ALA D 55 -10.59 -10.07 54.84
C ALA D 55 -10.32 -11.46 54.27
N SER D 56 -10.25 -11.56 52.94
CA SER D 56 -10.13 -12.87 52.27
C SER D 56 -8.74 -13.23 51.79
N GLY D 57 -7.95 -12.22 51.45
CA GLY D 57 -6.64 -12.44 50.85
C GLY D 57 -6.70 -12.90 49.37
N ASN D 58 -7.88 -12.82 48.77
CA ASN D 58 -8.09 -13.35 47.40
C ASN D 58 -8.48 -12.24 46.45
N ALA D 59 -8.04 -12.37 45.20
CA ALA D 59 -8.48 -11.47 44.15
C ALA D 59 -8.24 -12.13 42.81
N VAL D 60 -8.87 -11.59 41.76
CA VAL D 60 -8.48 -11.92 40.37
C VAL D 60 -8.13 -10.61 39.66
N ILE D 61 -6.89 -10.57 39.14
CA ILE D 61 -6.37 -9.40 38.42
C ILE D 61 -6.50 -9.66 36.94
N HIS D 62 -7.06 -8.69 36.23
CA HIS D 62 -7.30 -8.89 34.80
C HIS D 62 -6.58 -7.86 33.94
N VAL D 63 -5.93 -8.37 32.88
CA VAL D 63 -5.44 -7.54 31.79
C VAL D 63 -6.60 -7.36 30.82
N ILE D 64 -6.99 -6.11 30.60
CA ILE D 64 -8.12 -5.76 29.76
C ILE D 64 -7.76 -4.63 28.82
N ASP D 65 -8.42 -4.60 27.68
CA ASP D 65 -8.33 -3.45 26.77
C ASP D 65 -9.60 -2.61 26.86
N ASP D 66 -10.40 -2.83 27.90
CA ASP D 66 -11.71 -2.16 28.07
C ASP D 66 -11.53 -0.93 28.97
N ALA D 67 -11.15 0.18 28.33
CA ALA D 67 -11.02 1.43 29.03
C ALA D 67 -12.38 1.97 29.51
N LEU D 68 -13.45 1.68 28.80
CA LEU D 68 -14.77 2.08 29.22
C LEU D 68 -15.12 1.45 30.57
N LEU D 69 -14.83 0.17 30.74
CA LEU D 69 -15.17 -0.49 32.00
C LEU D 69 -14.28 0.01 33.14
N ILE D 70 -13.02 0.31 32.86
CA ILE D 70 -12.19 0.97 33.87
C ILE D 70 -12.83 2.30 34.27
N ALA D 71 -13.23 3.11 33.29
CA ALA D 71 -13.83 4.41 33.61
C ALA D 71 -15.09 4.24 34.44
N LYS D 72 -15.97 3.34 34.06
CA LYS D 72 -17.20 3.10 34.78
C LYS D 72 -16.94 2.72 36.23
N THR D 73 -16.01 1.81 36.47
CA THR D 73 -15.77 1.33 37.83
C THR D 73 -14.92 2.31 38.61
N ALA D 74 -14.23 3.24 37.95
CA ALA D 74 -13.48 4.31 38.67
C ALA D 74 -14.45 5.34 39.22
N ILE D 75 -15.51 5.62 38.48
CA ILE D 75 -16.42 6.69 38.87
C ILE D 75 -17.65 6.27 39.68
N GLY D 76 -17.94 4.97 39.73
CA GLY D 76 -19.13 4.46 40.43
C GLY D 76 -19.12 2.95 40.54
N LYS D 77 -20.18 2.39 41.11
CA LYS D 77 -20.30 0.92 41.28
C LYS D 77 -20.91 0.31 40.02
N VAL D 78 -20.31 -0.76 39.50
CA VAL D 78 -20.88 -1.52 38.39
C VAL D 78 -21.30 -2.90 38.91
N ASP D 79 -22.51 -3.30 38.58
CA ASP D 79 -22.99 -4.62 38.95
C ASP D 79 -22.31 -5.60 38.00
N ALA D 80 -21.39 -6.39 38.55
CA ALA D 80 -20.58 -7.31 37.76
C ALA D 80 -21.12 -8.73 37.74
N SER D 81 -22.32 -8.96 38.29
CA SER D 81 -22.85 -10.31 38.40
CA SER D 81 -22.90 -10.30 38.39
C SER D 81 -22.93 -11.06 37.07
N ASP D 82 -23.31 -10.37 35.99
CA ASP D 82 -23.39 -11.00 34.67
C ASP D 82 -22.12 -10.88 33.85
N LEU D 83 -21.07 -10.32 34.45
CA LEU D 83 -19.80 -10.17 33.77
C LEU D 83 -18.79 -11.22 34.14
N VAL D 84 -19.02 -11.99 35.21
CA VAL D 84 -18.01 -12.86 35.77
C VAL D 84 -18.53 -14.26 35.98
N VAL D 85 -17.63 -15.22 36.14
CA VAL D 85 -18.01 -16.59 36.47
CA VAL D 85 -17.98 -16.62 36.42
C VAL D 85 -17.01 -17.14 37.49
N PRO D 86 -17.48 -17.95 38.44
CA PRO D 86 -16.53 -18.60 39.35
C PRO D 86 -15.51 -19.45 38.62
N ILE D 87 -14.30 -19.49 39.13
CA ILE D 87 -13.23 -20.27 38.52
C ILE D 87 -13.22 -21.70 39.04
N PRO D 88 -13.40 -22.72 38.19
CA PRO D 88 -13.33 -24.11 38.70
C PRO D 88 -12.03 -24.41 39.44
N GLY D 89 -12.14 -25.03 40.61
CA GLY D 89 -10.98 -25.25 41.48
C GLY D 89 -10.89 -24.19 42.54
N LEU D 90 -11.51 -23.03 42.24
CA LEU D 90 -11.51 -21.86 43.14
C LEU D 90 -12.89 -21.26 43.24
N GLU D 91 -13.92 -22.09 43.05
CA GLU D 91 -15.26 -21.59 42.74
C GLU D 91 -15.95 -20.89 43.89
N ASP D 92 -15.46 -21.12 45.12
CA ASP D 92 -16.02 -20.46 46.28
CA ASP D 92 -16.03 -20.46 46.29
C ASP D 92 -15.31 -19.16 46.64
N THR D 93 -14.16 -18.87 46.01
CA THR D 93 -13.33 -17.76 46.44
C THR D 93 -12.95 -16.76 45.34
N HIS D 94 -13.04 -17.14 44.07
CA HIS D 94 -12.50 -16.30 42.97
C HIS D 94 -13.45 -16.36 41.81
N VAL D 95 -13.69 -15.19 41.19
CA VAL D 95 -14.51 -15.08 39.97
C VAL D 95 -13.69 -14.30 38.93
N ARG D 96 -13.86 -14.66 37.67
CA ARG D 96 -13.14 -13.94 36.61
C ARG D 96 -14.09 -13.37 35.60
N LEU D 97 -13.65 -12.30 34.94
CA LEU D 97 -14.36 -11.73 33.82
C LEU D 97 -14.42 -12.70 32.67
N LYS D 98 -15.59 -12.78 32.04
CA LYS D 98 -15.73 -13.54 30.80
C LYS D 98 -14.95 -12.90 29.64
N ARG D 99 -14.95 -11.57 29.62
CA ARG D 99 -14.24 -10.82 28.57
C ARG D 99 -13.05 -10.15 29.17
N CYS D 100 -11.89 -10.64 28.79
CA CYS D 100 -10.61 -10.05 29.19
C CYS D 100 -9.54 -10.62 28.27
N HIS D 101 -8.33 -10.06 28.31
CA HIS D 101 -7.24 -10.68 27.61
C HIS D 101 -6.57 -11.77 28.46
N ARG D 102 -6.29 -11.46 29.73
CA ARG D 102 -5.60 -12.41 30.57
C ARG D 102 -6.10 -12.19 32.01
N TRP D 103 -6.09 -13.25 32.80
CA TRP D 103 -6.49 -13.14 34.20
C TRP D 103 -5.51 -13.94 35.06
N PHE D 104 -5.35 -13.45 36.30
CA PHE D 104 -4.46 -14.06 37.28
C PHE D 104 -5.24 -14.16 38.58
N ALA D 105 -5.54 -15.39 39.00
CA ALA D 105 -6.22 -15.58 40.30
C ALA D 105 -5.14 -15.61 41.34
N VAL D 106 -5.21 -14.73 42.33
CA VAL D 106 -4.10 -14.55 43.29
C VAL D 106 -4.54 -14.72 44.73
N ARG D 107 -3.52 -14.93 45.56
CA ARG D 107 -3.69 -15.04 46.99
CA ARG D 107 -3.65 -15.11 46.99
C ARG D 107 -2.57 -14.28 47.67
N VAL D 108 -2.94 -13.48 48.65
CA VAL D 108 -1.98 -12.65 49.40
C VAL D 108 -1.07 -13.54 50.24
N THR D 109 0.24 -13.32 50.11
CA THR D 109 1.25 -14.07 50.87
C THR D 109 1.92 -13.25 51.97
N GLN D 110 2.00 -11.94 51.80
CA GLN D 110 2.68 -11.04 52.75
C GLN D 110 1.88 -9.77 52.87
N ARG D 111 1.71 -9.28 54.09
CA ARG D 111 0.97 -8.05 54.34
C ARG D 111 1.89 -7.06 55.03
N ALA D 112 2.16 -5.93 54.37
CA ALA D 112 3.06 -4.91 54.92
C ALA D 112 2.53 -3.49 54.69
N GLY D 113 3.42 -2.51 54.82
CA GLY D 113 3.06 -1.10 54.73
C GLY D 113 2.72 -0.49 56.07
N THR D 114 2.95 0.81 56.20
CA THR D 114 2.51 1.56 57.37
C THR D 114 0.98 1.66 57.42
N PRO D 115 0.42 1.49 58.61
CA PRO D 115 -0.86 0.81 58.77
C PRO D 115 -1.99 1.55 58.04
N PRO D 116 -1.85 2.86 57.90
CA PRO D 116 -2.81 3.66 57.12
C PRO D 116 -2.85 3.22 55.67
N ARG D 117 -1.70 2.87 55.11
CA ARG D 117 -1.63 2.29 53.77
C ARG D 117 -1.30 0.80 53.82
N HIS D 118 -1.55 0.11 52.71
CA HIS D 118 -1.31 -1.33 52.64
C HIS D 118 -0.44 -1.70 51.45
N GLU D 119 0.48 -2.64 51.69
CA GLU D 119 1.30 -3.24 50.63
C GLU D 119 1.20 -4.75 50.74
N LEU D 120 0.44 -5.34 49.83
CA LEU D 120 0.13 -6.77 49.90
C LEU D 120 0.84 -7.51 48.77
N THR D 121 1.69 -8.49 49.08
CA THR D 121 2.30 -9.30 48.06
C THR D 121 1.34 -10.44 47.74
N ALA D 122 1.12 -10.69 46.46
CA ALA D 122 0.20 -11.76 46.03
C ALA D 122 0.84 -12.66 45.00
N ARG D 123 0.56 -13.95 45.13
CA ARG D 123 1.07 -14.98 44.23
CA ARG D 123 1.07 -14.89 44.15
C ARG D 123 -0.06 -15.55 43.39
N CYS D 124 0.25 -16.07 42.23
CA CYS D 124 -0.76 -16.65 41.37
CA CYS D 124 -0.76 -16.64 41.37
C CYS D 124 -1.12 -18.08 41.73
N LEU D 125 -2.41 -18.34 41.84
CA LEU D 125 -2.96 -19.69 42.03
C LEU D 125 -3.31 -20.33 40.69
N ALA D 126 -3.70 -19.51 39.69
CA ALA D 126 -4.18 -19.98 38.38
C ALA D 126 -4.13 -18.76 37.47
N SER D 127 -4.08 -18.98 36.15
CA SER D 127 -4.10 -17.89 35.19
CA SER D 127 -4.02 -17.91 35.17
C SER D 127 -4.55 -18.42 33.86
N GLY D 128 -4.93 -17.52 32.97
CA GLY D 128 -5.26 -17.96 31.63
C GLY D 128 -5.39 -16.77 30.68
N LEU D 129 -5.34 -17.10 29.39
CA LEU D 129 -5.58 -16.16 28.32
C LEU D 129 -6.97 -16.38 27.81
N VAL D 130 -7.60 -15.32 27.36
CA VAL D 130 -8.96 -15.40 26.86
C VAL D 130 -9.01 -14.74 25.46
N ASP D 131 -9.24 -13.44 25.39
CA ASP D 131 -9.42 -12.75 24.11
C ASP D 131 -8.11 -12.10 23.68
N PRO D 132 -7.92 -11.89 22.38
CA PRO D 132 -6.79 -11.04 21.95
C PRO D 132 -6.94 -9.64 22.51
N PHE D 133 -5.81 -8.99 22.68
CA PHE D 133 -5.79 -7.59 23.13
C PHE D 133 -5.82 -6.71 21.90
N PHE D 134 -6.65 -5.66 21.90
CA PHE D 134 -6.78 -4.80 20.71
C PHE D 134 -5.43 -4.26 20.27
N GLY D 135 -4.70 -3.71 21.24
CA GLY D 135 -3.40 -3.10 20.99
C GLY D 135 -3.36 -1.69 21.49
N PHE D 136 -2.25 -1.01 21.29
CA PHE D 136 -2.17 0.39 21.66
C PHE D 136 -3.22 1.22 20.91
N ASN D 137 -3.95 2.05 21.64
CA ASN D 137 -4.95 2.93 21.05
C ASN D 137 -4.91 4.21 21.86
N ARG D 138 -4.66 5.32 21.19
CA ARG D 138 -4.43 6.56 21.91
C ARG D 138 -5.68 7.01 22.64
N ALA D 139 -6.86 6.73 22.11
CA ALA D 139 -8.10 7.07 22.80
C ALA D 139 -8.26 6.30 24.10
N LYS D 140 -8.06 4.98 24.10
CA LYS D 140 -8.12 4.19 25.34
C LYS D 140 -7.14 4.73 26.35
N HIS D 141 -5.95 5.07 25.90
CA HIS D 141 -4.94 5.59 26.83
C HIS D 141 -5.37 6.89 27.46
N ALA D 142 -5.96 7.76 26.68
CA ALA D 142 -6.43 9.06 27.21
C ALA D 142 -7.64 8.93 28.09
N VAL D 143 -8.49 7.96 27.83
CA VAL D 143 -9.60 7.67 28.74
C VAL D 143 -9.07 7.26 30.12
N ILE D 144 -8.04 6.44 30.18
CA ILE D 144 -7.43 6.08 31.45
C ILE D 144 -6.91 7.32 32.18
N GLU D 145 -6.22 8.20 31.47
CA GLU D 145 -5.70 9.39 32.14
C GLU D 145 -6.82 10.27 32.63
N ALA D 146 -7.90 10.40 31.87
CA ALA D 146 -9.03 11.19 32.29
C ALA D 146 -9.73 10.58 33.49
N ALA D 147 -9.86 9.26 33.53
CA ALA D 147 -10.52 8.60 34.66
C ALA D 147 -9.70 8.77 35.94
N VAL D 148 -8.38 8.65 35.83
CA VAL D 148 -7.48 8.91 36.98
C VAL D 148 -7.70 10.36 37.49
N ALA D 149 -7.75 11.32 36.59
CA ALA D 149 -7.89 12.74 36.98
C ALA D 149 -9.24 12.97 37.67
N ALA D 150 -10.29 12.32 37.18
CA ALA D 150 -11.65 12.50 37.67
C ALA D 150 -11.84 11.85 39.04
N THR D 151 -10.94 10.96 39.43
CA THR D 151 -10.94 10.40 40.81
C THR D 151 -10.14 11.30 41.78
N ARG D 152 -9.57 12.38 41.24
CA ARG D 152 -8.72 13.29 42.01
C ARG D 152 -9.28 14.72 42.05
N LEU D 153 -10.61 14.84 42.00
CA LEU D 153 -11.32 16.12 41.98
C LEU D 153 -11.10 17.00 43.21
N HIS D 154 -10.88 16.36 44.35
CA HIS D 154 -10.62 17.03 45.63
C HIS D 154 -9.16 17.47 45.75
N LEU D 155 -8.34 17.04 44.80
CA LEU D 155 -6.88 17.12 44.91
C LEU D 155 -6.27 18.03 43.85
N LEU D 156 -6.83 18.01 42.64
CA LEU D 156 -6.29 18.75 41.51
C LEU D 156 -7.09 20.03 41.22
N PRO D 157 -6.41 21.10 40.73
CA PRO D 157 -7.10 22.29 40.30
C PRO D 157 -8.03 21.93 39.13
N PRO D 158 -9.25 22.51 39.13
CA PRO D 158 -10.25 22.31 38.08
C PRO D 158 -9.73 22.50 36.65
N GLU D 159 -8.83 23.47 36.43
CA GLU D 159 -8.23 23.66 35.10
C GLU D 159 -7.39 22.47 34.64
N GLU D 160 -6.78 21.74 35.57
CA GLU D 160 -5.91 20.61 35.25
C GLU D 160 -6.79 19.42 34.83
N ILE D 161 -7.94 19.28 35.50
CA ILE D 161 -8.86 18.21 35.15
CA ILE D 161 -8.95 18.26 35.18
C ILE D 161 -9.45 18.52 33.78
N GLU D 162 -9.83 19.76 33.54
CA GLU D 162 -10.34 20.19 32.24
C GLU D 162 -9.35 19.93 31.12
N GLU D 163 -8.06 20.12 31.39
CA GLU D 163 -7.02 19.84 30.39
CA GLU D 163 -7.03 19.84 30.39
C GLU D 163 -6.93 18.35 30.08
N GLU D 164 -7.09 17.49 31.09
CA GLU D 164 -7.08 16.07 30.86
C GLU D 164 -8.28 15.62 30.01
N LEU D 165 -9.44 16.22 30.26
CA LEU D 165 -10.64 15.93 29.48
C LEU D 165 -10.46 16.41 28.05
N GLU D 166 -9.81 17.53 27.85
CA GLU D 166 -9.56 18.02 26.48
C GLU D 166 -8.56 17.14 25.76
N ARG D 167 -7.51 16.66 26.43
CA ARG D 167 -6.60 15.71 25.80
C ARG D 167 -7.33 14.45 25.40
N ALA D 168 -8.28 13.99 26.22
CA ALA D 168 -9.07 12.82 25.87
C ALA D 168 -9.94 13.09 24.67
N ARG D 169 -10.56 14.26 24.62
CA ARG D 169 -11.40 14.58 23.47
C ARG D 169 -10.59 14.46 22.17
N ILE D 170 -9.40 15.03 22.15
CA ILE D 170 -8.54 15.04 20.97
C ILE D 170 -8.17 13.61 20.57
N ALA D 171 -7.73 12.82 21.55
CA ALA D 171 -7.32 11.45 21.28
C ALA D 171 -8.48 10.61 20.78
N ILE D 172 -9.68 10.81 21.34
CA ILE D 172 -10.84 10.06 20.92
C ILE D 172 -11.30 10.42 19.52
N GLU D 173 -11.32 11.71 19.21
CA GLU D 173 -11.66 12.16 17.87
C GLU D 173 -10.71 11.52 16.86
N LYS D 174 -9.42 11.49 17.17
CA LYS D 174 -8.47 11.00 16.22
C LYS D 174 -8.50 9.47 16.08
N THR D 175 -8.65 8.74 17.18
CA THR D 175 -8.31 7.32 17.20
C THR D 175 -9.34 6.40 17.83
N GLY D 176 -10.39 6.96 18.42
CA GLY D 176 -11.30 6.17 19.24
C GLY D 176 -12.49 5.56 18.55
N GLY D 177 -13.14 4.66 19.28
CA GLY D 177 -14.39 4.07 18.87
C GLY D 177 -15.49 4.44 19.85
N GLU D 178 -16.63 3.82 19.67
CA GLU D 178 -17.79 4.11 20.50
C GLU D 178 -17.58 3.90 22.01
N PRO D 179 -16.87 2.85 22.44
CA PRO D 179 -16.67 2.71 23.90
C PRO D 179 -15.89 3.88 24.50
N GLU D 180 -14.92 4.40 23.76
CA GLU D 180 -14.10 5.50 24.29
C GLU D 180 -14.88 6.80 24.26
N ARG D 181 -15.73 7.00 23.26
CA ARG D 181 -16.60 8.16 23.21
C ARG D 181 -17.56 8.14 24.40
N GLU D 182 -18.17 7.00 24.65
CA GLU D 182 -19.05 6.87 25.81
C GLU D 182 -18.30 7.11 27.10
N ALA D 183 -17.09 6.57 27.22
CA ALA D 183 -16.35 6.75 28.46
C ALA D 183 -16.12 8.20 28.77
N LEU D 184 -15.73 9.00 27.79
CA LEU D 184 -15.52 10.40 28.07
C LEU D 184 -16.80 11.10 28.46
N GLN D 185 -17.92 10.77 27.84
CA GLN D 185 -19.20 11.34 28.29
C GLN D 185 -19.47 11.04 29.75
N LEU D 186 -19.23 9.81 30.17
CA LEU D 186 -19.47 9.43 31.57
C LEU D 186 -18.53 10.13 32.53
N ILE D 187 -17.28 10.28 32.15
CA ILE D 187 -16.30 10.94 32.99
C ILE D 187 -16.68 12.43 33.10
N ARG D 188 -17.04 13.07 31.99
CA ARG D 188 -17.45 14.48 32.03
C ARG D 188 -18.66 14.70 32.93
N ARG D 189 -19.61 13.79 32.88
CA ARG D 189 -20.80 13.85 33.75
C ARG D 189 -20.43 13.76 35.21
N HIS D 190 -19.52 12.87 35.54
CA HIS D 190 -19.05 12.70 36.91
C HIS D 190 -18.35 13.97 37.41
N VAL D 191 -17.55 14.58 36.57
CA VAL D 191 -16.82 15.80 36.95
C VAL D 191 -17.80 16.95 37.17
N ARG D 192 -18.83 17.04 36.32
CA ARG D 192 -19.85 18.10 36.44
C ARG D 192 -20.64 17.94 37.72
N GLU D 193 -21.12 16.72 37.98
CA GLU D 193 -21.96 16.39 39.14
CA GLU D 193 -21.98 16.49 39.12
C GLU D 193 -21.25 16.61 40.47
N SER D 194 -19.92 16.44 40.46
CA SER D 194 -19.12 16.57 41.67
C SER D 194 -18.85 18.04 42.01
N SER D 195 -18.93 18.90 41.00
CA SER D 195 -18.76 20.34 41.17
C SER D 195 -20.01 20.95 41.83
N ILE D 196 -21.18 20.42 41.48
CA ILE D 196 -22.44 20.89 42.06
C ILE D 196 -22.81 20.09 43.31
#